data_8CSE
#
_entry.id   8CSE
#
_cell.length_a   92.380
_cell.length_b   158.020
_cell.length_c   117.580
_cell.angle_alpha   90.000
_cell.angle_beta   90.000
_cell.angle_gamma   90.000
#
_symmetry.space_group_name_H-M   'C 2 2 21'
#
loop_
_entity.id
_entity.type
_entity.pdbx_description
1 polymer 'N-acetyl glucosaminyl transferase'
2 branched alpha-L-rhamnopyranose-(1-3)-2-acetamido-2-deoxy-beta-D-glucopyranose
3 non-polymer N-(8-hydroxyoctyl)-4-methoxybenzamide
4 non-polymer "CYTIDINE-5'-MONOPHOSPHATE"
5 non-polymer 'SODIUM ION'
6 water water
#
_entity_poly.entity_id   1
_entity_poly.type   'polypeptide(L)'
_entity_poly.pdbx_seq_one_letter_code
;MGLAVFLPPYPFRGLKAPYLWMFYKYLH(CSO)ATDSILFITGEDYLSVTDDEAQRARWEFDPASMASLGYELPNAQSMA
CHEYLTLDNAFYETLLSRHHHDPIKSFSAFLTERIPDLETELHALLDSKKGIIDQIDTFISICNCPSLEHVARTLGKEVM
HIEIGPLRAPMYRNTAYLDFAGVNGGTEASARYEKCQAEFDIKASLGDLHNYFLEVLPPAEAATHSAAGVVLQVEDDSNL
IAYNHDFTNISLLSYVRQRYEKEDILVRAHPGSLFRLRDDVFTIDDSANSLAFINQCNEVFTINSSVGLEAILTGKKTTV
LGDCSYAFINELAGASATVNAAAFYLFSYLVPFDLVFNQEYLKFRLGHPEEREIVGKHIEFYSADMPGSLSQAASSLSSL
INEAISLEHHHHHH
;
_entity_poly.pdbx_strand_id   A,B
#
# COMPACT_ATOMS: atom_id res chain seq x y z
N GLY A 2 0.40 -20.38 9.06
CA GLY A 2 -0.43 -20.89 7.99
C GLY A 2 -0.75 -19.78 7.01
N LEU A 3 -1.63 -20.08 6.08
CA LEU A 3 -2.03 -19.15 5.04
C LEU A 3 -3.35 -18.51 5.41
N ALA A 4 -3.49 -17.22 5.10
CA ALA A 4 -4.78 -16.52 5.16
C ALA A 4 -5.15 -16.20 3.72
N VAL A 5 -6.10 -16.95 3.17
CA VAL A 5 -6.52 -16.83 1.77
C VAL A 5 -7.79 -15.98 1.73
N PHE A 6 -7.74 -14.87 0.98
CA PHE A 6 -8.87 -13.92 0.86
C PHE A 6 -9.65 -14.25 -0.40
N LEU A 7 -10.89 -14.73 -0.25
CA LEU A 7 -11.79 -15.03 -1.37
C LEU A 7 -13.10 -14.29 -1.16
N PRO A 8 -13.15 -13.01 -1.53
CA PRO A 8 -14.32 -12.16 -1.22
C PRO A 8 -15.59 -12.71 -1.86
N PRO A 9 -16.72 -12.61 -1.15
CA PRO A 9 -18.00 -13.11 -1.67
C PRO A 9 -18.83 -12.08 -2.42
N TYR A 10 -18.34 -10.88 -2.61
CA TYR A 10 -19.19 -9.80 -3.15
C TYR A 10 -19.54 -10.08 -4.62
N PRO A 11 -20.83 -10.23 -4.98
CA PRO A 11 -21.18 -10.67 -6.35
C PRO A 11 -21.22 -9.51 -7.35
N PHE A 12 -20.08 -8.85 -7.53
CA PHE A 12 -20.06 -7.66 -8.38
C PHE A 12 -20.54 -7.96 -9.79
N ARG A 13 -20.17 -9.12 -10.34
CA ARG A 13 -20.52 -9.46 -11.71
C ARG A 13 -21.76 -10.31 -11.82
N GLY A 14 -22.46 -10.54 -10.69
CA GLY A 14 -23.72 -11.25 -10.71
C GLY A 14 -23.66 -12.73 -10.35
N LEU A 15 -22.53 -13.20 -9.80
CA LEU A 15 -22.38 -14.61 -9.41
C LEU A 15 -21.90 -14.70 -7.97
N LYS A 16 -22.60 -15.50 -7.17
CA LYS A 16 -22.15 -15.82 -5.83
C LYS A 16 -20.88 -16.66 -5.87
N ALA A 17 -20.09 -16.55 -4.80
CA ALA A 17 -18.86 -17.30 -4.67
C ALA A 17 -18.04 -17.13 -5.96
N PRO A 18 -17.83 -15.89 -6.40
CA PRO A 18 -17.12 -15.67 -7.68
C PRO A 18 -15.79 -16.40 -7.77
N TYR A 19 -15.06 -16.56 -6.68
CA TYR A 19 -13.72 -17.16 -6.77
C TYR A 19 -13.72 -18.60 -6.30
N LEU A 20 -14.82 -19.29 -6.55
CA LEU A 20 -14.98 -20.66 -6.08
C LEU A 20 -13.88 -21.58 -6.58
N TRP A 21 -13.34 -21.39 -7.79
CA TRP A 21 -12.36 -22.35 -8.28
C TRP A 21 -11.11 -22.34 -7.40
N MET A 22 -10.65 -21.16 -6.97
CA MET A 22 -9.44 -21.06 -6.15
C MET A 22 -9.67 -21.62 -4.75
N PHE A 23 -10.84 -21.34 -4.15
CA PHE A 23 -11.29 -22.04 -2.94
C PHE A 23 -11.14 -23.56 -3.06
N TYR A 24 -11.65 -24.14 -4.17
CA TYR A 24 -11.56 -25.59 -4.33
C TYR A 24 -10.12 -26.05 -4.47
N LYS A 25 -9.33 -25.32 -5.28
CA LYS A 25 -7.93 -25.70 -5.49
C LYS A 25 -7.13 -25.63 -4.19
N TYR A 26 -7.28 -24.57 -3.38
CA TYR A 26 -6.55 -24.54 -2.11
C TYR A 26 -6.99 -25.69 -1.21
N LEU A 27 -8.30 -25.95 -1.13
CA LEU A 27 -8.76 -27.06 -0.31
C LEU A 27 -8.12 -28.37 -0.73
N HIS A 28 -8.09 -28.63 -2.05
CA HIS A 28 -7.65 -29.93 -2.58
C HIS A 28 -6.18 -30.14 -2.25
N ALA A 30 -4.33 -28.73 0.13
CA ALA A 30 -3.93 -28.31 1.48
C ALA A 30 -3.11 -29.40 2.12
N THR A 31 -1.90 -29.05 2.49
CA THR A 31 -1.09 -29.91 3.34
C THR A 31 -1.27 -29.58 4.80
N ASP A 32 -1.78 -28.38 5.09
CA ASP A 32 -1.93 -27.88 6.43
C ASP A 32 -3.27 -27.16 6.52
N SER A 33 -3.66 -26.81 7.75
N SER A 33 -3.66 -26.81 7.75
CA SER A 33 -4.92 -26.09 7.94
CA SER A 33 -4.90 -26.08 7.96
C SER A 33 -4.77 -24.63 7.50
C SER A 33 -4.76 -24.63 7.49
N ILE A 34 -5.73 -24.17 6.71
CA ILE A 34 -5.73 -22.84 6.10
C ILE A 34 -6.74 -21.97 6.82
N LEU A 35 -6.47 -20.65 6.84
CA LEU A 35 -7.43 -19.64 7.27
C LEU A 35 -8.04 -19.00 6.03
N PHE A 36 -9.32 -19.24 5.80
CA PHE A 36 -10.05 -18.65 4.67
C PHE A 36 -10.86 -17.45 5.14
N ILE A 37 -10.71 -16.33 4.43
CA ILE A 37 -11.49 -15.13 4.66
C ILE A 37 -12.39 -14.98 3.45
N THR A 38 -13.66 -15.35 3.60
CA THR A 38 -14.51 -15.54 2.44
C THR A 38 -15.94 -15.22 2.85
N GLY A 39 -16.91 -15.78 2.13
CA GLY A 39 -18.32 -15.57 2.42
C GLY A 39 -19.05 -16.88 2.62
N GLU A 40 -20.19 -16.81 3.32
CA GLU A 40 -21.01 -18.00 3.55
C GLU A 40 -21.29 -18.76 2.27
N ASP A 41 -21.43 -18.04 1.15
CA ASP A 41 -21.83 -18.64 -0.11
C ASP A 41 -20.81 -19.65 -0.61
N TYR A 42 -19.54 -19.47 -0.26
CA TYR A 42 -18.54 -20.42 -0.73
C TYR A 42 -18.72 -21.80 -0.09
N LEU A 43 -19.32 -21.87 1.09
CA LEU A 43 -19.49 -23.15 1.80
C LEU A 43 -20.76 -23.90 1.39
N SER A 44 -21.81 -23.15 1.03
CA SER A 44 -23.12 -23.74 0.72
C SER A 44 -23.35 -23.97 -0.76
N VAL A 45 -22.54 -23.36 -1.63
CA VAL A 45 -22.78 -23.44 -3.06
C VAL A 45 -22.85 -24.90 -3.52
N THR A 46 -22.13 -25.80 -2.84
CA THR A 46 -22.05 -27.19 -3.30
C THR A 46 -23.37 -27.95 -3.12
N ASP A 47 -24.13 -27.64 -2.08
CA ASP A 47 -25.43 -28.25 -1.85
C ASP A 47 -26.57 -27.44 -2.47
N ASP A 48 -26.26 -26.48 -3.33
CA ASP A 48 -27.25 -25.64 -4.00
C ASP A 48 -27.40 -26.13 -5.44
N GLU A 49 -28.49 -26.85 -5.72
CA GLU A 49 -28.71 -27.36 -7.07
C GLU A 49 -29.05 -26.25 -8.06
N ALA A 50 -29.55 -25.11 -7.59
CA ALA A 50 -29.86 -23.97 -8.46
C ALA A 50 -28.65 -23.42 -9.22
N GLN A 51 -27.42 -23.95 -9.00
CA GLN A 51 -26.27 -23.54 -9.81
C GLN A 51 -25.25 -24.66 -9.93
N ARG A 52 -25.69 -25.91 -9.95
CA ARG A 52 -24.78 -27.03 -10.16
C ARG A 52 -24.22 -27.06 -11.58
N ALA A 53 -24.73 -26.21 -12.48
CA ALA A 53 -24.26 -26.17 -13.85
C ALA A 53 -23.10 -25.20 -14.08
N ARG A 54 -22.51 -24.62 -13.05
CA ARG A 54 -21.42 -23.70 -13.34
C ARG A 54 -20.15 -24.47 -13.67
N TRP A 55 -19.16 -23.74 -14.20
CA TRP A 55 -17.99 -24.36 -14.81
C TRP A 55 -17.02 -24.97 -13.80
N GLU A 56 -17.04 -24.53 -12.54
CA GLU A 56 -16.15 -25.12 -11.55
C GLU A 56 -16.51 -26.57 -11.23
N PHE A 57 -17.75 -27.01 -11.48
CA PHE A 57 -18.13 -28.41 -11.29
C PHE A 57 -17.96 -29.25 -12.55
N ASP A 58 -17.54 -28.65 -13.65
CA ASP A 58 -17.38 -29.43 -14.87
C ASP A 58 -16.14 -30.30 -14.77
N PRO A 59 -16.26 -31.60 -15.04
CA PRO A 59 -15.08 -32.49 -14.92
C PRO A 59 -13.88 -32.04 -15.75
N ALA A 60 -14.08 -31.57 -16.98
CA ALA A 60 -12.96 -31.02 -17.74
C ALA A 60 -12.27 -29.88 -16.98
N SER A 61 -13.06 -29.07 -16.26
CA SER A 61 -12.46 -27.97 -15.52
C SER A 61 -11.66 -28.48 -14.32
N MET A 62 -12.22 -29.45 -13.61
CA MET A 62 -11.51 -30.08 -12.50
C MET A 62 -10.24 -30.79 -13.00
N ALA A 63 -10.31 -31.40 -14.18
CA ALA A 63 -9.11 -32.06 -14.68
C ALA A 63 -8.06 -31.04 -15.11
N SER A 64 -8.47 -29.96 -15.78
CA SER A 64 -7.51 -29.02 -16.35
C SER A 64 -6.81 -28.22 -15.26
N LEU A 65 -7.50 -27.95 -14.16
CA LEU A 65 -7.01 -27.19 -13.03
C LEU A 65 -6.49 -28.06 -11.90
N GLY A 66 -6.79 -29.36 -11.92
CA GLY A 66 -6.25 -30.28 -10.94
C GLY A 66 -6.82 -30.18 -9.53
N TYR A 67 -8.15 -30.12 -9.39
CA TYR A 67 -8.78 -30.25 -8.09
C TYR A 67 -9.97 -31.21 -8.16
N GLU A 68 -10.38 -31.67 -6.99
CA GLU A 68 -11.61 -32.42 -6.79
C GLU A 68 -12.56 -31.57 -5.95
N LEU A 69 -13.86 -31.75 -6.17
CA LEU A 69 -14.83 -31.11 -5.29
C LEU A 69 -14.58 -31.56 -3.85
N PRO A 70 -14.63 -30.64 -2.88
CA PRO A 70 -14.31 -31.00 -1.49
C PRO A 70 -15.48 -31.68 -0.78
N ASN A 71 -15.18 -32.27 0.38
CA ASN A 71 -16.16 -32.96 1.21
C ASN A 71 -15.99 -32.53 2.67
N ALA A 72 -16.79 -33.13 3.55
CA ALA A 72 -16.80 -32.72 4.95
C ALA A 72 -15.43 -32.90 5.60
N GLN A 73 -14.82 -34.07 5.40
CA GLN A 73 -13.45 -34.29 5.86
C GLN A 73 -12.54 -33.15 5.41
N SER A 74 -12.47 -32.93 4.09
CA SER A 74 -11.61 -31.90 3.52
C SER A 74 -11.79 -30.56 4.21
N MET A 75 -13.02 -30.03 4.15
CA MET A 75 -13.29 -28.70 4.66
C MET A 75 -13.03 -28.59 6.16
N ALA A 76 -13.25 -29.68 6.88
CA ALA A 76 -13.38 -29.64 8.33
C ALA A 76 -12.10 -29.21 9.07
N CYS A 77 -10.93 -29.35 8.46
CA CYS A 77 -9.70 -29.05 9.17
C CYS A 77 -9.24 -27.60 8.97
N HIS A 78 -10.08 -26.77 8.36
CA HIS A 78 -9.74 -25.37 8.12
C HIS A 78 -10.64 -24.45 8.93
N GLU A 79 -10.23 -23.19 9.02
CA GLU A 79 -10.96 -22.16 9.74
C GLU A 79 -11.55 -21.18 8.72
N TYR A 80 -12.77 -20.70 9.00
CA TYR A 80 -13.48 -19.83 8.07
C TYR A 80 -13.92 -18.56 8.78
N LEU A 81 -13.51 -17.42 8.23
CA LEU A 81 -13.99 -16.11 8.64
C LEU A 81 -14.92 -15.64 7.53
N THR A 82 -16.19 -15.40 7.85
CA THR A 82 -17.10 -15.01 6.78
C THR A 82 -17.43 -13.53 6.89
N LEU A 83 -17.31 -12.85 5.75
CA LEU A 83 -17.75 -11.47 5.60
C LEU A 83 -19.27 -11.39 5.50
N ASP A 84 -19.84 -10.28 5.95
CA ASP A 84 -21.27 -10.17 6.01
C ASP A 84 -21.87 -9.52 4.77
N ASN A 85 -22.98 -10.11 4.29
CA ASN A 85 -23.59 -9.66 3.03
C ASN A 85 -24.15 -8.26 3.11
N ALA A 86 -24.46 -7.76 4.31
CA ALA A 86 -25.13 -6.47 4.44
C ALA A 86 -24.22 -5.30 4.05
N PHE A 87 -22.90 -5.41 4.27
CA PHE A 87 -22.02 -4.32 3.85
C PHE A 87 -21.97 -4.20 2.34
N TYR A 88 -22.20 -5.31 1.63
CA TYR A 88 -22.23 -5.26 0.17
C TYR A 88 -23.28 -4.27 -0.32
N GLU A 89 -24.50 -4.39 0.21
CA GLU A 89 -25.54 -3.46 -0.21
C GLU A 89 -25.16 -2.03 0.15
N THR A 90 -24.50 -1.84 1.29
CA THR A 90 -24.05 -0.50 1.63
C THR A 90 -23.05 0.02 0.60
N LEU A 91 -22.09 -0.81 0.22
CA LEU A 91 -21.08 -0.40 -0.75
C LEU A 91 -21.71 -0.03 -2.09
N LEU A 92 -22.62 -0.89 -2.60
CA LEU A 92 -23.31 -0.58 -3.84
C LEU A 92 -23.99 0.77 -3.75
N SER A 93 -24.64 1.04 -2.62
CA SER A 93 -25.40 2.28 -2.53
C SER A 93 -24.50 3.49 -2.47
N ARG A 94 -23.25 3.29 -2.05
CA ARG A 94 -22.24 4.34 -2.07
C ARG A 94 -21.63 4.55 -3.44
N HIS A 95 -22.00 3.76 -4.47
CA HIS A 95 -21.49 3.98 -5.82
C HIS A 95 -22.61 4.03 -6.83
N HIS A 96 -23.74 4.64 -6.45
CA HIS A 96 -24.86 4.82 -7.36
C HIS A 96 -25.46 3.49 -7.78
N HIS A 97 -25.28 2.46 -6.94
CA HIS A 97 -25.78 1.12 -7.25
C HIS A 97 -25.20 0.57 -8.55
N ASP A 98 -24.01 1.04 -8.91
CA ASP A 98 -23.31 0.46 -10.04
C ASP A 98 -22.42 -0.65 -9.52
N PRO A 99 -22.78 -1.91 -9.72
CA PRO A 99 -21.94 -3.00 -9.20
C PRO A 99 -20.55 -3.03 -9.80
N ILE A 100 -20.38 -2.62 -11.06
CA ILE A 100 -19.06 -2.68 -11.66
C ILE A 100 -18.19 -1.54 -11.16
N LYS A 101 -18.78 -0.36 -10.95
CA LYS A 101 -18.02 0.73 -10.34
C LYS A 101 -17.70 0.40 -8.88
N SER A 102 -18.58 -0.36 -8.19
CA SER A 102 -18.25 -0.84 -6.85
C SER A 102 -17.07 -1.82 -6.87
N PHE A 103 -17.04 -2.70 -7.87
CA PHE A 103 -15.91 -3.61 -8.06
C PHE A 103 -14.61 -2.81 -8.16
N SER A 104 -14.58 -1.85 -9.08
CA SER A 104 -13.43 -0.99 -9.31
C SER A 104 -12.92 -0.37 -8.02
N ALA A 105 -13.85 0.20 -7.25
CA ALA A 105 -13.47 0.77 -5.97
C ALA A 105 -12.89 -0.31 -5.04
N PHE A 106 -13.52 -1.47 -4.98
CA PHE A 106 -12.94 -2.59 -4.24
C PHE A 106 -11.51 -2.84 -4.69
N LEU A 107 -11.25 -2.78 -5.99
CA LEU A 107 -9.93 -3.18 -6.46
C LEU A 107 -8.88 -2.11 -6.24
N THR A 108 -9.29 -0.84 -6.12
CA THR A 108 -8.36 0.27 -6.29
C THR A 108 -8.40 1.33 -5.21
N GLU A 109 -9.29 1.22 -4.22
CA GLU A 109 -9.38 2.20 -3.14
C GLU A 109 -9.61 1.47 -1.82
N ARG A 110 -9.14 2.09 -0.74
CA ARG A 110 -9.44 1.62 0.61
C ARG A 110 -10.93 1.80 0.92
N ILE A 111 -11.50 0.85 1.65
CA ILE A 111 -12.89 0.93 2.11
C ILE A 111 -12.84 0.83 3.63
N PRO A 112 -12.82 1.96 4.36
CA PRO A 112 -12.61 1.86 5.82
C PRO A 112 -13.53 0.86 6.51
N ASP A 113 -14.80 0.79 6.13
CA ASP A 113 -15.70 -0.15 6.77
C ASP A 113 -15.27 -1.60 6.54
N LEU A 114 -14.71 -1.90 5.36
CA LEU A 114 -14.21 -3.26 5.10
C LEU A 114 -12.93 -3.54 5.89
N GLU A 115 -12.02 -2.58 5.93
CA GLU A 115 -10.91 -2.69 6.89
C GLU A 115 -11.40 -3.04 8.28
N THR A 116 -12.40 -2.31 8.77
CA THR A 116 -12.84 -2.52 10.15
C THR A 116 -13.39 -3.92 10.33
N GLU A 117 -14.14 -4.43 9.35
CA GLU A 117 -14.69 -5.79 9.45
C GLU A 117 -13.61 -6.85 9.30
N LEU A 118 -12.69 -6.68 8.36
CA LEU A 118 -11.51 -7.56 8.33
C LEU A 118 -10.79 -7.54 9.70
N HIS A 119 -10.58 -6.35 10.28
CA HIS A 119 -9.89 -6.33 11.58
C HIS A 119 -10.68 -7.10 12.64
N ALA A 120 -11.99 -6.91 12.70
CA ALA A 120 -12.78 -7.63 13.69
C ALA A 120 -12.77 -9.13 13.44
N LEU A 121 -12.85 -9.59 12.17
CA LEU A 121 -12.83 -11.05 11.94
C LEU A 121 -11.51 -11.65 12.39
N LEU A 122 -10.41 -10.97 12.10
CA LEU A 122 -9.10 -11.48 12.47
C LEU A 122 -8.88 -11.42 13.96
N ASP A 123 -9.60 -10.54 14.63
CA ASP A 123 -9.52 -10.41 16.06
C ASP A 123 -10.47 -11.34 16.79
N SER A 124 -11.46 -11.89 16.08
CA SER A 124 -12.58 -12.59 16.73
C SER A 124 -12.15 -13.87 17.42
N LYS A 125 -10.96 -14.39 17.14
CA LYS A 125 -10.48 -15.60 17.79
C LYS A 125 -9.01 -15.40 18.11
N LYS A 126 -8.67 -15.52 19.41
CA LYS A 126 -7.32 -15.26 19.88
C LYS A 126 -6.34 -16.23 19.22
N GLY A 127 -5.18 -15.71 18.84
CA GLY A 127 -4.17 -16.51 18.18
C GLY A 127 -4.22 -16.51 16.67
N ILE A 128 -5.35 -16.14 16.07
CA ILE A 128 -5.45 -16.19 14.61
C ILE A 128 -4.33 -15.39 13.96
N ILE A 129 -4.12 -14.17 14.43
CA ILE A 129 -3.20 -13.27 13.75
C ILE A 129 -1.78 -13.80 13.83
N ASP A 130 -1.38 -14.31 15.00
CA ASP A 130 -0.04 -14.88 15.17
C ASP A 130 0.26 -16.00 14.19
N GLN A 131 -0.72 -16.87 13.92
CA GLN A 131 -0.50 -18.00 13.04
C GLN A 131 -0.49 -17.62 11.57
N ILE A 132 -0.79 -16.37 11.23
CA ILE A 132 -0.77 -15.94 9.83
C ILE A 132 0.67 -15.67 9.43
N ASP A 133 1.17 -16.41 8.45
CA ASP A 133 2.47 -16.11 7.89
C ASP A 133 2.38 -15.20 6.68
N THR A 134 1.29 -15.29 5.93
CA THR A 134 1.10 -14.36 4.82
C THR A 134 -0.37 -14.33 4.47
N PHE A 135 -0.82 -13.21 3.91
CA PHE A 135 -2.09 -13.18 3.22
C PHE A 135 -1.89 -13.62 1.78
N ILE A 136 -2.93 -14.25 1.23
CA ILE A 136 -3.00 -14.52 -0.20
C ILE A 136 -4.29 -13.88 -0.69
N SER A 137 -4.20 -13.11 -1.77
CA SER A 137 -5.39 -12.50 -2.34
C SER A 137 -5.41 -12.73 -3.84
N ILE A 138 -6.60 -13.06 -4.35
CA ILE A 138 -6.78 -13.28 -5.79
C ILE A 138 -6.88 -11.96 -6.55
N CYS A 139 -7.03 -10.83 -5.87
CA CYS A 139 -7.10 -9.57 -6.58
C CYS A 139 -6.45 -8.49 -5.73
N ASN A 140 -6.08 -7.38 -6.37
CA ASN A 140 -5.65 -6.25 -5.58
C ASN A 140 -6.79 -5.88 -4.65
N CYS A 141 -6.44 -5.41 -3.48
CA CYS A 141 -7.50 -4.99 -2.57
C CYS A 141 -6.89 -4.06 -1.52
N PRO A 142 -6.91 -2.75 -1.73
CA PRO A 142 -6.21 -1.87 -0.78
C PRO A 142 -6.78 -1.95 0.63
N SER A 143 -8.08 -2.23 0.79
CA SER A 143 -8.59 -2.51 2.13
C SER A 143 -7.76 -3.56 2.86
N LEU A 144 -7.53 -4.70 2.20
CA LEU A 144 -6.77 -5.78 2.82
C LEU A 144 -5.28 -5.44 2.97
N GLU A 145 -4.73 -4.70 2.00
CA GLU A 145 -3.31 -4.33 2.05
C GLU A 145 -3.05 -3.37 3.22
N HIS A 146 -4.00 -2.46 3.49
CA HIS A 146 -3.88 -1.57 4.64
C HIS A 146 -3.93 -2.36 5.95
N VAL A 147 -4.93 -3.23 6.10
CA VAL A 147 -4.99 -4.14 7.25
C VAL A 147 -3.68 -4.91 7.37
N ALA A 148 -3.20 -5.51 6.27
CA ALA A 148 -1.98 -6.30 6.37
C ALA A 148 -0.80 -5.46 6.87
N ARG A 149 -0.66 -4.21 6.40
CA ARG A 149 0.43 -3.37 6.88
C ARG A 149 0.33 -3.15 8.37
N THR A 150 -0.88 -2.82 8.84
CA THR A 150 -1.06 -2.61 10.27
C THR A 150 -0.61 -3.84 11.06
N LEU A 151 -0.87 -5.04 10.53
CA LEU A 151 -0.54 -6.27 11.26
C LEU A 151 0.85 -6.82 10.95
N GLY A 152 1.59 -6.17 10.05
CA GLY A 152 2.91 -6.67 9.65
C GLY A 152 2.90 -7.94 8.79
N LYS A 153 1.86 -8.14 7.99
CA LYS A 153 1.73 -9.32 7.13
C LYS A 153 1.98 -8.95 5.67
N GLU A 154 2.65 -9.85 4.94
CA GLU A 154 2.73 -9.66 3.50
C GLU A 154 1.42 -10.05 2.82
N VAL A 155 1.22 -9.57 1.59
CA VAL A 155 0.06 -9.97 0.79
C VAL A 155 0.59 -10.50 -0.55
N MET A 156 0.43 -11.79 -0.77
CA MET A 156 0.69 -12.42 -2.06
C MET A 156 -0.57 -12.34 -2.93
N HIS A 157 -0.43 -11.69 -4.10
CA HIS A 157 -1.51 -11.60 -5.07
C HIS A 157 -1.32 -12.72 -6.09
N ILE A 158 -2.29 -13.63 -6.16
CA ILE A 158 -2.12 -14.91 -6.85
C ILE A 158 -3.31 -15.13 -7.76
N GLU A 159 -3.05 -15.50 -9.01
CA GLU A 159 -4.10 -15.66 -10.00
C GLU A 159 -3.65 -16.70 -11.01
N ILE A 160 -4.60 -17.22 -11.77
CA ILE A 160 -4.18 -18.00 -12.91
C ILE A 160 -3.44 -17.08 -13.87
N GLY A 161 -2.46 -17.63 -14.58
CA GLY A 161 -1.59 -16.83 -15.41
C GLY A 161 -2.08 -16.65 -16.83
N PRO A 162 -1.21 -16.09 -17.70
CA PRO A 162 -1.61 -15.86 -19.08
C PRO A 162 -1.41 -17.07 -19.99
N LEU A 163 -0.64 -18.05 -19.58
CA LEU A 163 -0.48 -19.30 -20.31
C LEU A 163 -1.19 -20.40 -19.53
N ARG A 164 -2.07 -21.14 -20.21
CA ARG A 164 -3.05 -22.02 -19.59
C ARG A 164 -3.27 -23.25 -20.46
N ALA A 165 -3.66 -24.34 -19.80
CA ALA A 165 -4.01 -25.56 -20.53
C ALA A 165 -5.32 -25.36 -21.29
N PRO A 166 -5.53 -26.11 -22.38
CA PRO A 166 -4.65 -27.17 -22.89
C PRO A 166 -3.51 -26.72 -23.79
N MET A 167 -3.57 -25.48 -24.30
CA MET A 167 -2.52 -25.06 -25.24
C MET A 167 -1.15 -25.07 -24.58
N TYR A 168 -1.09 -24.75 -23.28
CA TYR A 168 0.15 -24.46 -22.58
C TYR A 168 0.18 -25.19 -21.23
N ARG A 169 1.40 -25.35 -20.71
CA ARG A 169 1.54 -25.62 -19.28
C ARG A 169 0.80 -24.55 -18.50
N ASN A 170 0.09 -24.97 -17.45
CA ASN A 170 -0.59 -23.99 -16.61
C ASN A 170 0.40 -23.11 -15.85
N THR A 171 0.19 -21.81 -15.88
CA THR A 171 1.00 -20.86 -15.14
C THR A 171 0.13 -20.09 -14.14
N ALA A 172 0.78 -19.45 -13.16
CA ALA A 172 0.06 -18.63 -12.20
C ALA A 172 0.85 -17.35 -11.96
N TYR A 173 0.16 -16.32 -11.46
CA TYR A 173 0.86 -15.15 -10.99
C TYR A 173 1.06 -15.27 -9.50
N LEU A 174 2.22 -14.81 -9.03
CA LEU A 174 2.46 -14.59 -7.61
C LEU A 174 3.21 -13.27 -7.51
N ASP A 175 2.55 -12.23 -7.01
CA ASP A 175 3.12 -10.88 -7.01
C ASP A 175 2.83 -10.23 -5.66
N PHE A 176 3.87 -9.76 -4.97
CA PHE A 176 3.72 -9.14 -3.66
C PHE A 176 3.14 -7.72 -3.72
N ALA A 177 3.19 -7.04 -4.87
CA ALA A 177 2.71 -5.67 -5.00
C ALA A 177 1.29 -5.60 -5.56
N GLY A 178 1.00 -6.39 -6.61
CA GLY A 178 -0.23 -6.29 -7.36
C GLY A 178 -0.29 -7.38 -8.42
N VAL A 179 -1.50 -7.87 -8.72
CA VAL A 179 -1.72 -8.83 -9.80
C VAL A 179 -2.50 -8.10 -10.89
N ASN A 180 -2.05 -8.27 -12.13
CA ASN A 180 -2.51 -7.61 -13.34
C ASN A 180 -2.20 -6.12 -13.37
N GLY A 181 -2.72 -5.36 -12.40
CA GLY A 181 -2.35 -3.98 -12.22
C GLY A 181 -1.36 -3.80 -11.08
N GLY A 182 -0.50 -2.80 -11.21
CA GLY A 182 0.50 -2.54 -10.18
C GLY A 182 1.51 -3.65 -9.96
N THR A 183 1.89 -4.37 -11.00
CA THR A 183 2.75 -5.55 -10.81
C THR A 183 4.22 -5.16 -10.64
N GLU A 184 5.00 -6.11 -10.12
CA GLU A 184 6.42 -5.94 -9.88
C GLU A 184 7.30 -6.68 -10.89
N ALA A 185 6.70 -7.25 -11.94
CA ALA A 185 7.48 -8.03 -12.90
C ALA A 185 8.56 -7.18 -13.54
N SER A 186 8.20 -5.97 -13.96
CA SER A 186 9.19 -5.11 -14.61
C SER A 186 10.31 -4.74 -13.64
N ALA A 187 9.96 -4.48 -12.38
CA ALA A 187 11.00 -4.08 -11.42
C ALA A 187 11.89 -5.27 -11.07
N ARG A 188 11.33 -6.49 -11.02
CA ARG A 188 12.20 -7.63 -10.77
C ARG A 188 13.16 -7.86 -11.94
N TYR A 189 12.68 -7.72 -13.18
CA TYR A 189 13.57 -7.85 -14.32
C TYR A 189 14.68 -6.78 -14.29
N GLU A 190 14.33 -5.54 -13.93
CA GLU A 190 15.32 -4.45 -14.03
C GLU A 190 16.57 -4.74 -13.20
N LYS A 191 16.41 -5.38 -12.05
CA LYS A 191 17.56 -5.64 -11.20
C LYS A 191 18.39 -6.80 -11.71
N CYS A 192 17.88 -7.54 -12.71
CA CYS A 192 18.56 -8.68 -13.35
C CYS A 192 18.98 -8.46 -14.80
N GLN A 193 18.60 -7.37 -15.45
CA GLN A 193 18.78 -7.27 -16.90
C GLN A 193 20.22 -7.49 -17.34
N ALA A 194 21.20 -7.22 -16.47
CA ALA A 194 22.60 -7.36 -16.85
C ALA A 194 23.12 -8.76 -16.59
N GLU A 195 22.46 -9.53 -15.74
CA GLU A 195 22.75 -10.95 -15.49
C GLU A 195 21.90 -11.85 -16.39
N PHE A 196 21.92 -11.56 -17.70
CA PHE A 196 21.10 -12.30 -18.65
C PHE A 196 21.85 -12.55 -19.94
N ASP A 197 21.79 -13.79 -20.42
CA ASP A 197 22.37 -14.17 -21.70
C ASP A 197 21.66 -15.43 -22.20
N ILE A 198 20.49 -15.23 -22.79
CA ILE A 198 19.61 -16.32 -23.19
C ILE A 198 19.89 -16.66 -24.64
N LYS A 199 20.25 -17.92 -24.90
CA LYS A 199 20.66 -18.34 -26.24
C LYS A 199 19.53 -19.05 -26.99
N ALA A 200 18.35 -18.44 -26.92
CA ALA A 200 17.12 -18.96 -27.49
C ALA A 200 16.33 -17.78 -28.05
N SER A 201 15.51 -18.07 -29.04
CA SER A 201 14.66 -17.05 -29.62
C SER A 201 13.34 -16.98 -28.86
N LEU A 202 12.54 -15.96 -29.17
CA LEU A 202 11.18 -15.87 -28.64
C LEU A 202 10.35 -17.14 -28.99
N GLY A 203 10.48 -17.63 -30.22
CA GLY A 203 9.82 -18.87 -30.58
C GLY A 203 10.16 -20.03 -29.67
N ASP A 204 11.43 -20.13 -29.24
CA ASP A 204 11.83 -21.23 -28.35
C ASP A 204 11.16 -21.10 -27.00
N LEU A 205 11.16 -19.88 -26.44
CA LEU A 205 10.42 -19.63 -25.21
C LEU A 205 8.97 -20.04 -25.37
N HIS A 206 8.37 -19.67 -26.49
CA HIS A 206 6.98 -20.03 -26.72
C HIS A 206 6.83 -21.54 -26.82
N ASN A 207 7.72 -22.18 -27.58
CA ASN A 207 7.71 -23.63 -27.72
C ASN A 207 7.85 -24.32 -26.38
N TYR A 208 8.66 -23.77 -25.48
CA TYR A 208 8.87 -24.46 -24.22
C TYR A 208 7.53 -24.64 -23.49
N PHE A 209 6.67 -23.63 -23.52
CA PHE A 209 5.42 -23.75 -22.79
C PHE A 209 4.31 -24.42 -23.59
N LEU A 210 4.43 -24.47 -24.91
CA LEU A 210 3.45 -25.18 -25.75
C LEU A 210 3.35 -26.64 -25.34
N GLU A 211 2.13 -27.09 -25.10
CA GLU A 211 1.84 -28.49 -24.84
C GLU A 211 1.27 -29.21 -26.04
N VAL A 212 0.99 -28.49 -27.13
CA VAL A 212 0.32 -29.03 -28.30
C VAL A 212 1.23 -28.85 -29.52
N LEU A 213 0.86 -29.52 -30.59
CA LEU A 213 1.46 -29.15 -31.86
C LEU A 213 0.83 -27.86 -32.36
N PRO A 214 1.65 -26.93 -32.86
CA PRO A 214 1.14 -25.67 -33.39
C PRO A 214 0.17 -25.90 -34.53
N PRO A 215 -0.71 -24.93 -34.79
CA PRO A 215 -1.50 -24.98 -36.03
C PRO A 215 -0.60 -24.77 -37.24
N ALA A 216 0.31 -23.78 -37.17
CA ALA A 216 1.38 -23.53 -38.14
C ALA A 216 0.97 -22.98 -39.51
N GLU A 217 1.87 -22.23 -40.15
CA GLU A 217 1.77 -21.79 -41.54
C GLU A 217 0.49 -21.02 -41.86
N ALA A 218 0.51 -19.70 -41.65
CA ALA A 218 -0.62 -18.84 -41.99
C ALA A 218 -0.76 -18.69 -43.50
N HIS A 221 -1.34 -11.16 -43.30
CA HIS A 221 -2.35 -11.97 -43.98
C HIS A 221 -3.69 -11.27 -43.77
N SER A 222 -4.09 -11.18 -42.51
CA SER A 222 -5.00 -10.12 -42.08
C SER A 222 -4.16 -9.08 -41.36
N ALA A 223 -4.14 -7.86 -41.90
CA ALA A 223 -3.22 -6.86 -41.38
C ALA A 223 -3.41 -6.64 -39.88
N ALA A 224 -4.64 -6.60 -39.41
CA ALA A 224 -4.90 -6.13 -38.05
C ALA A 224 -5.79 -7.10 -37.30
N GLY A 225 -5.24 -7.76 -36.28
CA GLY A 225 -6.03 -8.55 -35.36
C GLY A 225 -6.40 -7.75 -34.11
N VAL A 226 -7.67 -7.83 -33.75
CA VAL A 226 -8.20 -7.17 -32.56
C VAL A 226 -8.64 -8.24 -31.57
N VAL A 227 -7.99 -8.27 -30.41
CA VAL A 227 -8.34 -9.16 -29.31
C VAL A 227 -9.38 -8.47 -28.44
N LEU A 228 -10.57 -9.07 -28.32
CA LEU A 228 -11.55 -8.59 -27.37
C LEU A 228 -11.44 -9.37 -26.07
N GLN A 229 -11.95 -8.77 -24.99
CA GLN A 229 -11.86 -9.36 -23.67
C GLN A 229 -13.24 -9.50 -23.07
N VAL A 230 -13.30 -10.12 -21.89
CA VAL A 230 -14.56 -10.15 -21.14
C VAL A 230 -14.84 -8.77 -20.56
N GLU A 231 -16.08 -8.30 -20.71
CA GLU A 231 -16.38 -6.89 -20.54
C GLU A 231 -16.31 -6.45 -19.09
N ASP A 232 -16.52 -7.38 -18.15
CA ASP A 232 -16.46 -7.07 -16.73
C ASP A 232 -15.30 -7.77 -16.02
N ASP A 233 -14.31 -8.26 -16.79
CA ASP A 233 -13.02 -8.70 -16.26
C ASP A 233 -12.37 -7.57 -15.43
N SER A 234 -11.79 -7.90 -14.27
CA SER A 234 -11.10 -6.85 -13.51
C SER A 234 -10.13 -6.08 -14.41
N ASN A 235 -9.49 -6.77 -15.36
CA ASN A 235 -8.58 -6.18 -16.33
C ASN A 235 -9.21 -5.05 -17.14
N LEU A 236 -10.48 -5.19 -17.50
CA LEU A 236 -11.21 -4.16 -18.24
C LEU A 236 -11.94 -3.19 -17.35
N ILE A 237 -11.93 -3.40 -16.04
CA ILE A 237 -12.59 -2.50 -15.09
C ILE A 237 -11.61 -1.56 -14.45
N ALA A 238 -10.46 -2.06 -14.01
CA ALA A 238 -9.53 -1.19 -13.30
C ALA A 238 -8.23 -0.94 -14.01
N TYR A 239 -7.76 -1.85 -14.85
CA TYR A 239 -6.39 -1.73 -15.33
C TYR A 239 -6.33 -1.34 -16.81
N ASN A 240 -7.42 -0.80 -17.33
CA ASN A 240 -7.65 -0.69 -18.76
C ASN A 240 -7.39 0.71 -19.30
N HIS A 241 -7.05 1.67 -18.46
CA HIS A 241 -6.81 3.04 -18.92
C HIS A 241 -8.01 3.57 -19.65
N ASP A 242 -9.19 3.21 -19.16
CA ASP A 242 -10.47 3.61 -19.72
C ASP A 242 -10.82 2.96 -21.06
N PHE A 243 -9.95 2.13 -21.65
CA PHE A 243 -10.31 1.46 -22.89
C PHE A 243 -11.36 0.36 -22.66
N THR A 244 -12.20 0.13 -23.68
CA THR A 244 -13.24 -0.91 -23.72
C THR A 244 -13.12 -1.65 -25.05
N ASN A 245 -13.86 -2.76 -25.22
CA ASN A 245 -13.84 -3.44 -26.51
C ASN A 245 -14.25 -2.47 -27.62
N ILE A 246 -15.24 -1.62 -27.34
CA ILE A 246 -15.74 -0.74 -28.39
C ILE A 246 -14.69 0.34 -28.72
N SER A 247 -14.02 0.90 -27.71
CA SER A 247 -13.03 1.92 -28.08
C SER A 247 -11.73 1.30 -28.63
N LEU A 248 -11.41 0.09 -28.19
CA LEU A 248 -10.32 -0.64 -28.84
C LEU A 248 -10.62 -0.84 -30.32
N LEU A 249 -11.87 -1.19 -30.63
CA LEU A 249 -12.20 -1.44 -32.01
C LEU A 249 -12.08 -0.15 -32.80
N SER A 250 -12.55 0.95 -32.23
CA SER A 250 -12.47 2.22 -32.94
C SER A 250 -11.03 2.61 -33.16
N TYR A 251 -10.19 2.42 -32.14
CA TYR A 251 -8.76 2.68 -32.25
C TYR A 251 -8.16 2.00 -33.50
N VAL A 252 -8.54 0.74 -33.73
CA VAL A 252 -8.00 0.04 -34.88
C VAL A 252 -8.55 0.65 -36.16
N ARG A 253 -9.84 1.02 -36.17
CA ARG A 253 -10.40 1.66 -37.35
C ARG A 253 -9.81 3.03 -37.62
N GLN A 254 -9.17 3.68 -36.66
CA GLN A 254 -8.50 4.92 -37.02
C GLN A 254 -7.30 4.64 -37.91
N ARG A 255 -6.84 3.39 -37.93
CA ARG A 255 -5.59 2.99 -38.55
C ARG A 255 -5.77 2.06 -39.74
N TYR A 256 -6.90 1.33 -39.84
CA TYR A 256 -7.07 0.29 -40.85
C TYR A 256 -8.47 0.38 -41.44
N GLU A 257 -8.59 0.01 -42.71
CA GLU A 257 -9.90 -0.16 -43.30
C GLU A 257 -10.54 -1.45 -42.79
N LYS A 258 -11.87 -1.47 -42.76
CA LYS A 258 -12.59 -2.60 -42.19
C LYS A 258 -12.16 -3.91 -42.84
N GLU A 259 -11.83 -3.89 -44.13
CA GLU A 259 -11.43 -5.10 -44.83
C GLU A 259 -10.17 -5.73 -44.24
N ASP A 260 -9.32 -4.93 -43.58
CA ASP A 260 -8.06 -5.45 -43.07
C ASP A 260 -8.13 -5.84 -41.61
N ILE A 261 -9.31 -5.80 -41.01
CA ILE A 261 -9.47 -6.05 -39.59
C ILE A 261 -10.01 -7.45 -39.39
N LEU A 262 -9.40 -8.18 -38.47
CA LEU A 262 -9.89 -9.46 -38.02
C LEU A 262 -10.14 -9.34 -36.52
N VAL A 263 -11.39 -9.57 -36.11
CA VAL A 263 -11.80 -9.42 -34.71
C VAL A 263 -12.05 -10.81 -34.13
N ARG A 264 -11.54 -11.03 -32.91
CA ARG A 264 -11.82 -12.27 -32.18
C ARG A 264 -12.41 -11.92 -30.82
N ALA A 265 -13.68 -12.27 -30.63
CA ALA A 265 -14.37 -12.12 -29.36
C ALA A 265 -13.78 -13.08 -28.33
N HIS A 266 -13.90 -12.74 -27.07
CA HIS A 266 -13.41 -13.63 -26.01
C HIS A 266 -14.41 -14.76 -25.83
N PRO A 267 -13.99 -16.02 -25.79
CA PRO A 267 -14.96 -17.10 -25.64
C PRO A 267 -15.66 -17.13 -24.29
N GLY A 268 -15.11 -16.49 -23.24
CA GLY A 268 -15.80 -16.36 -21.98
C GLY A 268 -16.74 -15.16 -21.89
N SER A 269 -16.95 -14.44 -22.99
CA SER A 269 -17.75 -13.23 -22.97
C SER A 269 -19.24 -13.57 -23.11
N LEU A 270 -20.10 -12.71 -22.59
CA LEU A 270 -21.52 -12.87 -22.87
C LEU A 270 -21.90 -12.34 -24.23
N PHE A 271 -21.02 -11.59 -24.88
CA PHE A 271 -21.31 -11.01 -26.18
C PHE A 271 -20.42 -11.63 -27.27
N ARG A 272 -20.98 -11.72 -28.47
CA ARG A 272 -20.25 -12.01 -29.70
C ARG A 272 -20.50 -10.87 -30.69
N LEU A 273 -19.70 -10.86 -31.76
CA LEU A 273 -19.83 -9.88 -32.83
C LEU A 273 -20.96 -10.19 -33.80
N ARG A 274 -21.67 -9.14 -34.20
CA ARG A 274 -22.53 -9.16 -35.37
C ARG A 274 -21.78 -9.79 -36.54
N ASP A 275 -22.49 -10.63 -37.29
CA ASP A 275 -21.84 -11.55 -38.22
C ASP A 275 -21.33 -10.86 -39.48
N ASP A 276 -21.93 -9.76 -39.90
CA ASP A 276 -21.50 -9.10 -41.13
C ASP A 276 -21.24 -7.63 -40.86
N VAL A 277 -19.98 -7.28 -40.67
CA VAL A 277 -19.50 -5.89 -40.68
C VAL A 277 -17.96 -5.91 -40.70
N PHE A 278 -17.33 -6.50 -39.69
CA PHE A 278 -15.93 -6.89 -39.80
C PHE A 278 -15.83 -8.39 -40.00
N THR A 279 -14.66 -8.83 -40.44
CA THR A 279 -14.40 -10.27 -40.50
C THR A 279 -14.20 -10.81 -39.08
N ILE A 280 -14.94 -11.87 -38.74
CA ILE A 280 -14.92 -12.46 -37.40
C ILE A 280 -14.01 -13.69 -37.42
N ASP A 281 -13.10 -13.77 -36.46
CA ASP A 281 -12.26 -14.95 -36.34
C ASP A 281 -13.06 -16.15 -35.85
N ASP A 282 -12.77 -17.31 -36.44
CA ASP A 282 -13.42 -18.58 -36.10
C ASP A 282 -12.40 -19.62 -35.62
N SER A 283 -11.25 -19.18 -35.12
CA SER A 283 -10.20 -20.13 -34.82
C SER A 283 -10.54 -20.96 -33.60
N ALA A 284 -10.08 -22.21 -33.60
CA ALA A 284 -10.25 -23.06 -32.43
C ALA A 284 -9.51 -22.52 -31.20
N ASN A 285 -8.53 -21.61 -31.35
CA ASN A 285 -7.79 -21.10 -30.21
C ASN A 285 -7.15 -19.76 -30.56
N SER A 286 -6.78 -18.97 -29.53
CA SER A 286 -6.21 -17.66 -29.86
C SER A 286 -4.91 -17.75 -30.62
N LEU A 287 -4.18 -18.88 -30.55
CA LEU A 287 -2.92 -18.95 -31.29
C LEU A 287 -3.17 -19.05 -32.78
N ALA A 288 -4.14 -19.88 -33.19
CA ALA A 288 -4.52 -19.89 -34.61
C ALA A 288 -5.01 -18.53 -35.07
N PHE A 289 -5.64 -17.77 -34.17
CA PHE A 289 -6.13 -16.47 -34.59
C PHE A 289 -4.97 -15.51 -34.85
N ILE A 290 -4.01 -15.41 -33.91
CA ILE A 290 -2.93 -14.45 -34.14
C ILE A 290 -2.02 -14.89 -35.28
N ASN A 291 -1.90 -16.19 -35.57
CA ASN A 291 -1.09 -16.59 -36.72
C ASN A 291 -1.63 -16.06 -38.05
N GLN A 292 -2.93 -15.74 -38.13
CA GLN A 292 -3.50 -15.08 -39.31
C GLN A 292 -3.21 -13.58 -39.38
N CYS A 293 -2.46 -13.00 -38.43
CA CYS A 293 -2.41 -11.55 -38.26
C CYS A 293 -1.01 -10.98 -38.44
N ASN A 294 -0.92 -9.83 -39.09
CA ASN A 294 0.36 -9.15 -39.17
C ASN A 294 0.65 -8.35 -37.92
N GLU A 295 -0.38 -7.67 -37.38
CA GLU A 295 -0.29 -6.87 -36.17
C GLU A 295 -1.37 -7.31 -35.19
N VAL A 296 -1.10 -7.16 -33.90
CA VAL A 296 -2.08 -7.53 -32.90
C VAL A 296 -2.34 -6.37 -31.96
N PHE A 297 -3.63 -6.15 -31.67
CA PHE A 297 -4.11 -5.04 -30.86
C PHE A 297 -4.83 -5.59 -29.63
N THR A 298 -4.39 -5.17 -28.45
CA THR A 298 -5.10 -5.58 -27.25
C THR A 298 -5.05 -4.45 -26.22
N ILE A 299 -5.99 -4.51 -25.27
CA ILE A 299 -5.96 -3.71 -24.06
C ILE A 299 -4.97 -4.40 -23.12
N ASN A 300 -5.37 -5.52 -22.53
CA ASN A 300 -4.42 -6.24 -21.66
C ASN A 300 -4.75 -7.72 -21.55
N SER A 301 -5.20 -8.32 -22.64
CA SER A 301 -5.45 -9.76 -22.71
C SER A 301 -4.19 -10.59 -22.54
N SER A 302 -4.37 -11.76 -21.92
CA SER A 302 -3.34 -12.79 -21.99
C SER A 302 -2.84 -13.03 -23.40
N VAL A 303 -3.70 -12.86 -24.41
CA VAL A 303 -3.30 -13.11 -25.79
C VAL A 303 -2.19 -12.17 -26.24
N GLY A 304 -2.16 -10.93 -25.72
CA GLY A 304 -1.04 -10.03 -26.05
C GLY A 304 0.33 -10.65 -25.83
N LEU A 305 0.48 -11.40 -24.73
CA LEU A 305 1.72 -12.12 -24.50
C LEU A 305 1.97 -13.16 -25.59
N GLU A 306 0.94 -13.92 -25.97
CA GLU A 306 1.08 -14.90 -27.04
C GLU A 306 1.59 -14.24 -28.30
N ALA A 307 0.96 -13.15 -28.71
CA ALA A 307 1.42 -12.45 -29.91
C ALA A 307 2.89 -12.04 -29.78
N ILE A 308 3.28 -11.45 -28.64
CA ILE A 308 4.67 -10.99 -28.51
C ILE A 308 5.64 -12.17 -28.65
N LEU A 309 5.32 -13.30 -28.02
CA LEU A 309 6.24 -14.45 -28.07
C LEU A 309 6.36 -15.04 -29.47
N THR A 310 5.32 -14.93 -30.30
CA THR A 310 5.43 -15.43 -31.67
C THR A 310 5.96 -14.37 -32.63
N GLY A 311 6.42 -13.23 -32.12
CA GLY A 311 7.05 -12.22 -32.95
C GLY A 311 6.13 -11.22 -33.63
N LYS A 312 4.86 -11.14 -33.27
CA LYS A 312 3.95 -10.23 -33.95
C LYS A 312 4.03 -8.83 -33.37
N LYS A 313 4.03 -7.82 -34.22
CA LYS A 313 3.92 -6.45 -33.75
C LYS A 313 2.65 -6.32 -32.92
N THR A 314 2.81 -5.98 -31.64
CA THR A 314 1.69 -5.97 -30.71
C THR A 314 1.49 -4.57 -30.12
N THR A 315 0.25 -4.11 -30.05
CA THR A 315 -0.11 -2.86 -29.40
C THR A 315 -0.90 -3.20 -28.13
N VAL A 316 -0.43 -2.69 -27.02
CA VAL A 316 -0.96 -2.98 -25.69
C VAL A 316 -1.39 -1.65 -25.08
N LEU A 317 -2.68 -1.42 -25.01
CA LEU A 317 -3.23 -0.14 -24.60
C LEU A 317 -3.49 -0.02 -23.10
N GLY A 318 -3.56 -1.13 -22.37
CA GLY A 318 -3.81 -1.13 -20.94
C GLY A 318 -2.60 -1.52 -20.11
N ASP A 319 -2.77 -1.49 -18.80
N ASP A 319 -2.78 -1.48 -18.79
CA ASP A 319 -1.71 -1.92 -17.91
CA ASP A 319 -1.77 -1.94 -17.84
C ASP A 319 -1.79 -3.44 -17.72
C ASP A 319 -1.80 -3.46 -17.74
N CYS A 320 -0.62 -4.08 -17.64
CA CYS A 320 -0.58 -5.52 -17.39
C CYS A 320 0.85 -5.95 -17.11
N SER A 321 0.97 -7.19 -16.62
CA SER A 321 2.25 -7.72 -16.15
C SER A 321 3.28 -7.83 -17.27
N TYR A 322 2.86 -8.08 -18.50
CA TYR A 322 3.82 -8.37 -19.57
C TYR A 322 4.17 -7.14 -20.43
N ALA A 323 3.48 -6.01 -20.26
CA ALA A 323 3.70 -4.84 -21.12
C ALA A 323 5.17 -4.44 -21.20
N PHE A 324 5.91 -4.50 -20.07
CA PHE A 324 7.30 -4.01 -20.11
C PHE A 324 8.13 -4.77 -21.16
N ILE A 325 7.82 -6.05 -21.40
CA ILE A 325 8.55 -6.78 -22.44
C ILE A 325 8.41 -6.08 -23.78
N ASN A 326 7.19 -5.62 -24.10
CA ASN A 326 6.92 -5.00 -25.39
C ASN A 326 7.58 -3.64 -25.51
N GLU A 327 7.86 -2.96 -24.39
CA GLU A 327 8.41 -1.62 -24.39
C GLU A 327 9.94 -1.59 -24.55
N LEU A 328 10.63 -2.72 -24.43
CA LEU A 328 12.05 -2.73 -24.73
C LEU A 328 12.27 -2.56 -26.22
N ALA A 329 13.37 -1.89 -26.56
CA ALA A 329 13.70 -1.60 -27.96
C ALA A 329 14.59 -2.68 -28.58
N GLY A 330 15.56 -3.22 -27.86
CA GLY A 330 16.43 -4.24 -28.43
C GLY A 330 15.73 -5.59 -28.54
N ALA A 331 16.00 -6.29 -29.65
CA ALA A 331 15.55 -7.67 -29.81
C ALA A 331 16.14 -8.57 -28.73
N SER A 332 17.45 -8.42 -28.51
CA SER A 332 18.14 -9.17 -27.47
C SER A 332 17.54 -8.90 -26.09
N ALA A 333 17.30 -7.63 -25.75
CA ALA A 333 16.68 -7.34 -24.46
C ALA A 333 15.27 -7.91 -24.40
N THR A 334 14.56 -7.86 -25.51
CA THR A 334 13.21 -8.41 -25.53
C THR A 334 13.23 -9.90 -25.20
N VAL A 335 14.15 -10.65 -25.81
CA VAL A 335 14.24 -12.08 -25.49
C VAL A 335 14.53 -12.28 -24.00
N ASN A 336 15.55 -11.60 -23.48
CA ASN A 336 15.91 -11.73 -22.07
C ASN A 336 14.75 -11.40 -21.15
N ALA A 337 14.04 -10.29 -21.42
CA ALA A 337 12.89 -9.95 -20.59
C ALA A 337 11.82 -11.05 -20.65
N ALA A 338 11.53 -11.56 -21.85
CA ALA A 338 10.52 -12.60 -21.95
C ALA A 338 10.94 -13.85 -21.16
N ALA A 339 12.21 -14.24 -21.28
CA ALA A 339 12.68 -15.39 -20.53
C ALA A 339 12.52 -15.17 -19.04
N PHE A 340 12.89 -13.99 -18.56
CA PHE A 340 12.75 -13.74 -17.13
C PHE A 340 11.28 -13.79 -16.72
N TYR A 341 10.41 -13.17 -17.51
CA TYR A 341 8.98 -13.18 -17.21
C TYR A 341 8.45 -14.62 -17.13
N LEU A 342 8.80 -15.45 -18.11
CA LEU A 342 8.21 -16.79 -18.26
C LEU A 342 8.72 -17.76 -17.19
N PHE A 343 10.03 -17.71 -16.89
CA PHE A 343 10.69 -18.62 -15.96
C PHE A 343 10.81 -18.09 -14.54
N SER A 344 10.77 -16.77 -14.31
CA SER A 344 10.91 -16.28 -12.93
C SER A 344 9.69 -15.52 -12.41
N TYR A 345 9.01 -14.74 -13.23
CA TYR A 345 7.84 -14.05 -12.69
C TYR A 345 6.63 -14.99 -12.62
N LEU A 346 6.29 -15.61 -13.74
CA LEU A 346 5.28 -16.65 -13.81
C LEU A 346 5.69 -17.85 -12.96
N VAL A 347 4.69 -18.54 -12.41
CA VAL A 347 4.93 -19.69 -11.54
C VAL A 347 4.27 -20.94 -12.07
N PRO A 348 4.90 -22.11 -12.01
CA PRO A 348 4.17 -23.35 -12.33
C PRO A 348 2.87 -23.37 -11.54
N PHE A 349 1.74 -23.52 -12.25
CA PHE A 349 0.43 -23.31 -11.65
C PHE A 349 0.30 -23.99 -10.27
N ASP A 350 0.62 -25.28 -10.18
CA ASP A 350 0.37 -25.99 -8.93
C ASP A 350 1.16 -25.39 -7.77
N LEU A 351 2.31 -24.77 -8.02
CA LEU A 351 3.16 -24.37 -6.90
C LEU A 351 2.52 -23.25 -6.06
N VAL A 352 1.60 -22.45 -6.62
CA VAL A 352 1.03 -21.35 -5.83
C VAL A 352 -0.02 -21.83 -4.83
N PHE A 353 -0.35 -23.12 -4.89
CA PHE A 353 -1.24 -23.77 -3.93
C PHE A 353 -0.46 -24.74 -3.08
N ASN A 354 0.86 -24.72 -3.20
CA ASN A 354 1.73 -25.60 -2.42
C ASN A 354 2.33 -24.81 -1.27
N GLN A 355 2.00 -25.22 -0.05
CA GLN A 355 2.39 -24.46 1.12
C GLN A 355 3.91 -24.32 1.24
N GLU A 356 4.64 -25.40 1.00
CA GLU A 356 6.08 -25.30 1.10
C GLU A 356 6.62 -24.27 0.10
N TYR A 357 6.14 -24.32 -1.14
CA TYR A 357 6.60 -23.35 -2.13
C TYR A 357 6.28 -21.93 -1.69
N LEU A 358 5.12 -21.72 -1.05
CA LEU A 358 4.76 -20.37 -0.66
C LEU A 358 5.65 -19.90 0.47
N LYS A 359 5.95 -20.79 1.41
CA LYS A 359 6.89 -20.45 2.47
C LYS A 359 8.24 -20.03 1.89
N PHE A 360 8.76 -20.82 0.95
CA PHE A 360 9.95 -20.45 0.18
C PHE A 360 9.90 -19.00 -0.34
N ARG A 361 8.88 -18.65 -1.13
CA ARG A 361 8.80 -17.31 -1.69
C ARG A 361 8.68 -16.25 -0.58
N LEU A 362 8.07 -16.59 0.55
CA LEU A 362 7.93 -15.64 1.64
C LEU A 362 9.30 -15.24 2.19
N GLY A 363 10.30 -16.13 2.08
CA GLY A 363 11.64 -15.73 2.42
C GLY A 363 12.29 -14.78 1.40
N HIS A 364 11.63 -14.42 0.30
CA HIS A 364 12.21 -13.52 -0.70
C HIS A 364 13.60 -13.93 -1.16
N PRO A 365 13.74 -15.11 -1.76
CA PRO A 365 15.06 -15.61 -2.16
C PRO A 365 15.55 -14.96 -3.45
N GLU A 366 16.74 -15.35 -3.88
CA GLU A 366 17.34 -14.79 -5.08
C GLU A 366 16.61 -15.27 -6.33
N GLU A 367 16.71 -14.46 -7.40
CA GLU A 367 16.08 -14.80 -8.67
C GLU A 367 16.56 -16.16 -9.19
N ARG A 368 17.87 -16.43 -9.05
CA ARG A 368 18.43 -17.73 -9.34
C ARG A 368 17.64 -18.86 -8.67
N GLU A 369 17.42 -18.74 -7.35
CA GLU A 369 16.71 -19.81 -6.64
C GLU A 369 15.29 -19.98 -7.18
N ILE A 370 14.61 -18.88 -7.50
CA ILE A 370 13.23 -18.99 -7.96
C ILE A 370 13.19 -19.73 -9.29
N VAL A 371 14.06 -19.33 -10.21
CA VAL A 371 14.10 -19.98 -11.51
C VAL A 371 14.44 -21.47 -11.34
N GLY A 372 15.40 -21.77 -10.46
CA GLY A 372 15.76 -23.16 -10.26
C GLY A 372 14.58 -23.99 -9.83
N LYS A 373 13.79 -23.49 -8.87
CA LYS A 373 12.63 -24.23 -8.40
C LYS A 373 11.60 -24.42 -9.51
N HIS A 374 11.38 -23.39 -10.33
CA HIS A 374 10.39 -23.53 -11.39
C HIS A 374 10.82 -24.56 -12.43
N ILE A 375 12.10 -24.52 -12.82
CA ILE A 375 12.59 -25.46 -13.82
C ILE A 375 12.56 -26.88 -13.27
N GLU A 376 12.92 -27.07 -11.99
CA GLU A 376 12.77 -28.40 -11.40
C GLU A 376 11.36 -28.92 -11.58
N PHE A 377 10.36 -28.08 -11.33
CA PHE A 377 8.98 -28.52 -11.52
C PHE A 377 8.72 -28.87 -12.98
N TYR A 378 9.05 -27.94 -13.89
CA TYR A 378 8.81 -28.12 -15.32
C TYR A 378 9.49 -29.37 -15.87
N SER A 379 10.60 -29.78 -15.25
CA SER A 379 11.47 -30.83 -15.74
C SER A 379 11.25 -32.16 -15.05
N ALA A 380 10.29 -32.22 -14.12
CA ALA A 380 10.15 -33.34 -13.20
C ALA A 380 10.05 -34.67 -13.93
N ASP A 381 10.06 -34.65 -15.26
CA ASP A 381 9.97 -35.88 -16.05
C ASP A 381 10.69 -35.71 -17.39
N MET A 382 11.92 -35.22 -17.36
CA MET A 382 12.73 -35.12 -18.58
C MET A 382 13.87 -36.14 -18.55
N SER A 391 24.78 -23.52 -11.12
CA SER A 391 24.43 -22.97 -12.42
C SER A 391 23.89 -21.56 -12.24
N SER A 392 24.13 -20.68 -13.21
CA SER A 392 23.57 -19.33 -13.16
C SER A 392 22.14 -19.32 -13.70
N LEU A 393 21.53 -18.13 -13.66
CA LEU A 393 20.15 -18.02 -14.12
C LEU A 393 20.05 -18.26 -15.61
N SER A 394 20.85 -17.53 -16.39
CA SER A 394 20.97 -17.79 -17.82
C SER A 394 21.24 -19.27 -18.08
N SER A 395 22.25 -19.81 -17.40
CA SER A 395 22.65 -21.20 -17.61
C SER A 395 21.49 -22.15 -17.34
N LEU A 396 20.67 -21.87 -16.32
CA LEU A 396 19.56 -22.76 -16.00
C LEU A 396 18.52 -22.79 -17.11
N ILE A 397 18.12 -21.61 -17.63
CA ILE A 397 17.09 -21.53 -18.66
C ILE A 397 17.62 -22.06 -20.00
N ASN A 398 18.87 -21.75 -20.35
CA ASN A 398 19.42 -22.28 -21.61
C ASN A 398 19.44 -23.82 -21.60
N GLU A 399 19.79 -24.43 -20.46
CA GLU A 399 19.80 -25.90 -20.40
C GLU A 399 18.40 -26.49 -20.44
N ALA A 400 17.45 -25.89 -19.69
CA ALA A 400 16.07 -26.34 -19.75
C ALA A 400 15.55 -26.27 -21.19
N ILE A 401 15.81 -25.18 -21.89
CA ILE A 401 15.38 -25.10 -23.28
C ILE A 401 16.10 -26.15 -24.11
N SER A 402 17.39 -26.32 -23.86
CA SER A 402 18.17 -27.22 -24.70
C SER A 402 17.67 -28.64 -24.54
N LEU A 403 17.35 -29.03 -23.30
CA LEU A 403 16.83 -30.37 -23.01
C LEU A 403 15.49 -30.61 -23.71
N GLU A 404 14.64 -29.57 -23.85
CA GLU A 404 13.42 -29.72 -24.64
C GLU A 404 13.72 -29.89 -26.11
N HIS A 405 14.81 -29.28 -26.56
CA HIS A 405 15.15 -29.34 -27.97
C HIS A 405 15.34 -30.78 -28.42
N HIS A 406 16.07 -31.58 -27.64
CA HIS A 406 16.29 -32.99 -28.04
C HIS A 406 15.94 -33.99 -26.92
N GLY B 2 19.06 -3.85 10.40
CA GLY B 2 19.40 -2.44 10.33
C GLY B 2 18.24 -1.61 9.82
N LEU B 3 18.31 -0.32 10.10
CA LEU B 3 17.30 0.63 9.66
C LEU B 3 17.68 1.19 8.30
N ALA B 4 16.71 1.26 7.39
CA ALA B 4 16.80 2.06 6.19
C ALA B 4 15.95 3.31 6.41
N VAL B 5 16.58 4.47 6.55
CA VAL B 5 15.87 5.71 6.85
C VAL B 5 15.77 6.59 5.61
N PHE B 6 14.54 6.92 5.22
CA PHE B 6 14.25 7.64 3.98
C PHE B 6 14.01 9.13 4.28
N LEU B 7 14.91 10.00 3.83
CA LEU B 7 14.75 11.44 4.04
C LEU B 7 14.86 12.14 2.68
N PRO B 8 13.76 12.25 1.95
CA PRO B 8 13.81 12.76 0.57
C PRO B 8 14.35 14.18 0.53
N PRO B 9 15.15 14.49 -0.50
CA PRO B 9 15.76 15.84 -0.66
C PRO B 9 14.95 16.83 -1.48
N TYR B 10 13.84 16.40 -2.05
CA TYR B 10 13.04 17.23 -2.94
C TYR B 10 12.60 18.51 -2.25
N PRO B 11 13.06 19.70 -2.72
CA PRO B 11 12.72 20.97 -2.03
C PRO B 11 11.35 21.51 -2.45
N PHE B 12 10.31 20.67 -2.26
CA PHE B 12 8.94 21.03 -2.65
C PHE B 12 8.56 22.39 -2.12
N ARG B 13 8.89 22.66 -0.85
CA ARG B 13 8.48 23.90 -0.22
C ARG B 13 9.53 25.00 -0.31
N GLY B 14 10.65 24.75 -0.99
CA GLY B 14 11.64 25.80 -1.25
C GLY B 14 12.90 25.70 -0.41
N LEU B 15 12.97 24.78 0.56
CA LEU B 15 14.13 24.61 1.42
C LEU B 15 14.85 23.33 1.04
N LYS B 16 16.17 23.41 0.95
CA LYS B 16 16.94 22.20 0.75
C LYS B 16 17.00 21.39 2.03
N ALA B 17 17.28 20.10 1.89
CA ALA B 17 17.35 19.16 3.01
C ALA B 17 16.22 19.42 3.99
N PRO B 18 14.95 19.34 3.55
CA PRO B 18 13.85 19.76 4.44
C PRO B 18 13.82 18.95 5.73
N TYR B 19 14.13 17.66 5.69
CA TYR B 19 14.01 16.83 6.88
C TYR B 19 15.32 16.72 7.66
N LEU B 20 16.13 17.78 7.63
CA LEU B 20 17.45 17.72 8.27
C LEU B 20 17.36 17.38 9.76
N TRP B 21 16.29 17.80 10.46
CA TRP B 21 16.35 17.58 11.91
C TRP B 21 16.31 16.09 12.23
N MET B 22 15.58 15.31 11.41
CA MET B 22 15.46 13.87 11.66
C MET B 22 16.75 13.16 11.29
N PHE B 23 17.42 13.64 10.25
CA PHE B 23 18.74 13.14 9.92
C PHE B 23 19.68 13.28 11.11
N TYR B 24 19.69 14.47 11.73
CA TYR B 24 20.57 14.75 12.86
C TYR B 24 20.19 13.93 14.09
N LYS B 25 18.88 13.80 14.36
CA LYS B 25 18.43 12.99 15.48
C LYS B 25 18.87 11.53 15.33
N TYR B 26 18.60 10.90 14.17
CA TYR B 26 18.99 9.50 13.98
C TYR B 26 20.50 9.32 14.04
N LEU B 27 21.23 10.22 13.37
CA LEU B 27 22.68 10.16 13.47
C LEU B 27 23.11 10.24 14.92
N HIS B 28 22.45 11.08 15.70
CA HIS B 28 22.97 11.33 17.04
C HIS B 28 22.65 10.17 17.99
N ALA B 30 22.23 6.94 16.93
CA ALA B 30 22.55 5.68 16.29
C ALA B 30 23.31 4.79 17.24
N THR B 31 23.01 3.49 17.21
CA THR B 31 23.79 2.49 17.93
C THR B 31 24.19 1.37 16.99
N ASP B 32 24.27 1.69 15.70
CA ASP B 32 24.51 0.70 14.69
C ASP B 32 24.54 1.44 13.36
N SER B 33 25.19 0.83 12.38
N SER B 33 25.21 0.85 12.38
CA SER B 33 25.20 1.38 11.04
CA SER B 33 25.21 1.43 11.04
C SER B 33 23.78 1.52 10.52
C SER B 33 23.79 1.52 10.51
N ILE B 34 23.50 2.65 9.87
CA ILE B 34 22.18 2.94 9.32
C ILE B 34 22.32 3.16 7.82
N LEU B 35 21.30 2.78 7.07
CA LEU B 35 21.24 3.04 5.64
C LEU B 35 20.35 4.26 5.46
N PHE B 36 20.92 5.37 4.99
CA PHE B 36 20.15 6.58 4.69
C PHE B 36 19.83 6.64 3.20
N ILE B 37 18.57 6.85 2.87
CA ILE B 37 18.16 7.08 1.49
C ILE B 37 17.68 8.50 1.44
N THR B 38 18.47 9.35 0.79
CA THR B 38 18.26 10.78 0.96
C THR B 38 18.89 11.53 -0.21
N GLY B 39 19.44 12.72 0.05
CA GLY B 39 20.13 13.45 -1.01
C GLY B 39 21.43 14.08 -0.54
N GLU B 40 22.22 14.47 -1.52
CA GLU B 40 23.53 15.03 -1.24
C GLU B 40 23.44 16.27 -0.36
N ASP B 41 22.33 17.02 -0.45
CA ASP B 41 22.21 18.26 0.29
C ASP B 41 22.28 18.01 1.78
N TYR B 42 21.87 16.82 2.21
CA TYR B 42 21.88 16.49 3.62
C TYR B 42 23.29 16.36 4.17
N LEU B 43 24.28 16.07 3.34
CA LEU B 43 25.63 15.89 3.84
C LEU B 43 26.51 17.12 3.70
N SER B 44 26.16 18.05 2.80
CA SER B 44 26.95 19.27 2.59
C SER B 44 26.39 20.47 3.35
N VAL B 45 25.28 20.30 4.07
CA VAL B 45 24.58 21.46 4.62
C VAL B 45 25.44 22.16 5.67
N THR B 46 26.13 21.39 6.53
CA THR B 46 26.94 21.98 7.59
C THR B 46 28.12 22.78 7.05
N ASP B 47 28.64 22.40 5.87
CA ASP B 47 29.78 23.06 5.26
C ASP B 47 29.38 24.25 4.39
N ASP B 48 28.24 24.86 4.66
CA ASP B 48 27.79 26.04 3.94
C ASP B 48 27.34 27.07 4.96
N GLU B 49 28.09 28.17 5.06
CA GLU B 49 27.68 29.27 5.92
C GLU B 49 26.32 29.82 5.50
N ALA B 50 25.91 29.59 4.25
CA ALA B 50 24.64 30.11 3.76
C ALA B 50 23.47 29.63 4.62
N GLN B 51 23.55 28.39 5.10
CA GLN B 51 22.44 27.75 5.78
C GLN B 51 22.62 27.62 7.28
N ARG B 52 23.71 28.14 7.83
CA ARG B 52 23.89 28.03 9.29
C ARG B 52 22.88 28.84 10.08
N ALA B 53 21.97 29.59 9.44
CA ALA B 53 20.95 30.36 10.14
C ALA B 53 19.64 29.61 10.32
N ARG B 54 19.52 28.38 9.84
CA ARG B 54 18.26 27.66 9.92
C ARG B 54 18.02 27.13 11.34
N TRP B 55 16.74 26.89 11.65
CA TRP B 55 16.35 26.49 13.01
C TRP B 55 17.05 25.21 13.49
N GLU B 56 17.28 24.23 12.60
CA GLU B 56 17.93 22.98 13.00
C GLU B 56 19.29 23.22 13.67
N PHE B 57 19.96 24.31 13.34
CA PHE B 57 21.24 24.62 13.95
C PHE B 57 21.12 25.45 15.22
N ASP B 58 19.93 25.93 15.57
CA ASP B 58 19.79 26.71 16.79
C ASP B 58 20.02 25.84 18.02
N PRO B 59 20.94 26.21 18.92
CA PRO B 59 21.16 25.42 20.14
C PRO B 59 19.89 25.13 20.94
N ALA B 60 18.91 26.04 20.93
CA ALA B 60 17.63 25.73 21.55
C ALA B 60 16.93 24.57 20.84
N SER B 61 17.01 24.53 19.50
CA SER B 61 16.43 23.38 18.80
C SER B 61 17.09 22.09 19.25
N MET B 62 18.43 22.08 19.32
CA MET B 62 19.14 20.88 19.72
C MET B 62 18.74 20.42 21.10
N ALA B 63 18.66 21.35 22.06
CA ALA B 63 18.29 20.98 23.42
C ALA B 63 16.87 20.44 23.49
N SER B 64 15.94 21.03 22.74
CA SER B 64 14.55 20.57 22.79
C SER B 64 14.39 19.17 22.18
N LEU B 65 14.99 18.94 21.01
CA LEU B 65 14.86 17.66 20.30
C LEU B 65 15.92 16.66 20.70
N GLY B 66 16.89 17.06 21.54
CA GLY B 66 17.94 16.22 22.03
C GLY B 66 18.86 15.65 20.95
N TYR B 67 19.53 16.49 20.18
CA TYR B 67 20.61 16.01 19.35
C TYR B 67 21.73 17.05 19.35
N GLU B 68 22.91 16.59 18.98
CA GLU B 68 24.00 17.48 18.66
C GLU B 68 24.32 17.32 17.17
N LEU B 69 24.99 18.33 16.63
CA LEU B 69 25.37 18.28 15.23
C LEU B 69 26.32 17.10 15.06
N PRO B 70 26.34 16.48 13.89
CA PRO B 70 27.23 15.34 13.67
C PRO B 70 28.59 15.80 13.16
N ASN B 71 29.55 14.88 13.23
CA ASN B 71 30.92 15.13 12.80
C ASN B 71 31.32 14.05 11.79
N ALA B 72 32.57 14.17 11.30
CA ALA B 72 33.12 13.19 10.36
C ALA B 72 33.04 11.78 10.92
N GLN B 73 33.58 11.58 12.13
CA GLN B 73 33.52 10.27 12.77
C GLN B 73 32.09 9.78 12.89
N SER B 74 31.14 10.69 13.14
CA SER B 74 29.77 10.28 13.42
C SER B 74 29.02 9.92 12.14
N MET B 75 29.37 10.55 11.02
CA MET B 75 28.68 10.29 9.79
C MET B 75 29.29 9.12 9.03
N ALA B 76 30.48 8.67 9.44
CA ALA B 76 31.22 7.65 8.71
C ALA B 76 30.75 6.23 9.02
N CYS B 77 29.98 6.04 10.09
CA CYS B 77 29.46 4.71 10.41
C CYS B 77 28.39 4.23 9.43
N HIS B 78 27.87 5.10 8.58
CA HIS B 78 26.60 4.81 7.93
C HIS B 78 26.76 4.74 6.42
N GLU B 79 25.70 4.26 5.79
CA GLU B 79 25.66 4.13 4.35
C GLU B 79 24.72 5.18 3.78
N TYR B 80 25.08 5.72 2.62
CA TYR B 80 24.30 6.80 2.04
C TYR B 80 23.91 6.45 0.62
N LEU B 81 22.60 6.46 0.35
CA LEU B 81 22.07 6.32 -1.00
C LEU B 81 21.41 7.64 -1.36
N THR B 82 21.93 8.33 -2.38
CA THR B 82 21.44 9.65 -2.71
C THR B 82 20.67 9.63 -4.03
N LEU B 83 19.52 10.30 -4.02
CA LEU B 83 18.63 10.46 -5.17
C LEU B 83 19.06 11.61 -6.07
N ASP B 84 18.88 11.41 -7.38
CA ASP B 84 19.27 12.41 -8.36
C ASP B 84 18.24 13.53 -8.46
N ASN B 85 18.71 14.71 -8.85
CA ASN B 85 17.77 15.83 -8.93
C ASN B 85 17.02 15.87 -10.26
N ALA B 86 17.55 15.25 -11.31
CA ALA B 86 16.85 15.26 -12.60
C ALA B 86 15.43 14.72 -12.47
N PHE B 87 15.19 13.79 -11.56
CA PHE B 87 13.82 13.30 -11.38
C PHE B 87 12.92 14.38 -10.80
N TYR B 88 13.44 15.20 -9.89
CA TYR B 88 12.62 16.26 -9.28
C TYR B 88 12.10 17.24 -10.34
N GLU B 89 13.00 17.76 -11.18
CA GLU B 89 12.59 18.61 -12.29
C GLU B 89 11.56 17.92 -13.18
N THR B 90 11.83 16.67 -13.57
CA THR B 90 10.84 15.94 -14.36
C THR B 90 9.50 15.90 -13.62
N LEU B 91 9.54 15.61 -12.32
CA LEU B 91 8.31 15.56 -11.54
C LEU B 91 7.54 16.88 -11.61
N LEU B 92 8.24 18.00 -11.38
CA LEU B 92 7.57 19.29 -11.39
C LEU B 92 6.85 19.52 -12.71
N SER B 93 7.50 19.16 -13.83
CA SER B 93 6.90 19.45 -15.13
C SER B 93 5.69 18.56 -15.42
N ARG B 94 5.59 17.44 -14.73
CA ARG B 94 4.42 16.58 -14.80
C ARG B 94 3.27 17.08 -13.94
N HIS B 95 3.44 18.17 -13.19
CA HIS B 95 2.34 18.75 -12.41
C HIS B 95 2.24 20.24 -12.63
N HIS B 96 2.48 20.66 -13.87
CA HIS B 96 2.32 22.06 -14.21
C HIS B 96 3.33 22.94 -13.46
N HIS B 97 4.44 22.37 -12.98
CA HIS B 97 5.46 23.12 -12.28
C HIS B 97 4.99 23.65 -10.93
N ASP B 98 3.93 23.07 -10.40
CA ASP B 98 3.45 23.42 -9.09
C ASP B 98 4.14 22.51 -8.08
N PRO B 99 5.05 23.05 -7.25
CA PRO B 99 5.83 22.18 -6.34
C PRO B 99 4.98 21.60 -5.23
N ILE B 100 3.91 22.30 -4.87
CA ILE B 100 3.01 21.82 -3.83
C ILE B 100 2.15 20.69 -4.36
N LYS B 101 1.56 20.88 -5.55
CA LYS B 101 0.87 19.77 -6.20
C LYS B 101 1.80 18.57 -6.39
N SER B 102 3.04 18.82 -6.80
CA SER B 102 4.02 17.75 -6.90
C SER B 102 4.27 17.13 -5.54
N PHE B 103 4.37 17.94 -4.49
CA PHE B 103 4.46 17.40 -3.13
C PHE B 103 3.29 16.47 -2.87
N SER B 104 2.08 16.91 -3.23
CA SER B 104 0.89 16.13 -2.96
C SER B 104 0.90 14.80 -3.70
N ALA B 105 1.32 14.80 -4.98
CA ALA B 105 1.45 13.54 -5.69
C ALA B 105 2.50 12.64 -5.03
N PHE B 106 3.63 13.23 -4.62
CA PHE B 106 4.69 12.46 -3.96
C PHE B 106 4.17 11.70 -2.76
N LEU B 107 3.24 12.32 -2.02
CA LEU B 107 2.70 11.81 -0.76
C LEU B 107 1.56 10.81 -0.95
N THR B 108 0.87 10.83 -2.09
CA THR B 108 -0.41 10.15 -2.22
C THR B 108 -0.52 9.24 -3.43
N GLU B 109 0.43 9.27 -4.37
CA GLU B 109 0.40 8.47 -5.59
C GLU B 109 1.72 7.76 -5.75
N ARG B 110 1.68 6.61 -6.44
CA ARG B 110 2.93 6.01 -6.90
C ARG B 110 3.52 6.83 -8.04
N ILE B 111 4.85 6.87 -8.08
CA ILE B 111 5.59 7.56 -9.11
C ILE B 111 6.57 6.55 -9.73
N PRO B 112 6.22 5.95 -10.85
CA PRO B 112 7.04 4.82 -11.35
C PRO B 112 8.52 5.14 -11.47
N ASP B 113 8.89 6.34 -11.88
CA ASP B 113 10.32 6.66 -12.05
C ASP B 113 11.04 6.66 -10.72
N LEU B 114 10.37 7.13 -9.67
CA LEU B 114 10.98 7.09 -8.36
C LEU B 114 11.08 5.65 -7.86
N GLU B 115 10.11 4.81 -8.21
CA GLU B 115 10.20 3.40 -7.82
C GLU B 115 11.40 2.73 -8.47
N THR B 116 11.62 2.99 -9.75
CA THR B 116 12.79 2.44 -10.43
C THR B 116 14.10 2.90 -9.78
N GLU B 117 14.20 4.18 -9.45
CA GLU B 117 15.46 4.65 -8.90
C GLU B 117 15.68 4.14 -7.48
N LEU B 118 14.62 4.10 -6.67
CA LEU B 118 14.73 3.44 -5.37
C LEU B 118 15.25 2.01 -5.51
N HIS B 119 14.74 1.27 -6.52
CA HIS B 119 15.24 -0.08 -6.76
C HIS B 119 16.67 -0.08 -7.22
N ALA B 120 17.00 0.79 -8.17
CA ALA B 120 18.39 0.85 -8.64
C ALA B 120 19.34 1.12 -7.47
N LEU B 121 19.02 2.14 -6.66
CA LEU B 121 19.87 2.48 -5.51
C LEU B 121 19.96 1.35 -4.50
N LEU B 122 18.81 0.82 -4.06
CA LEU B 122 18.81 -0.28 -3.11
C LEU B 122 19.66 -1.45 -3.60
N ASP B 123 19.81 -1.57 -4.91
CA ASP B 123 20.48 -2.70 -5.52
C ASP B 123 21.90 -2.36 -5.95
N SER B 124 22.31 -1.09 -5.86
CA SER B 124 23.63 -0.64 -6.34
C SER B 124 24.78 -1.35 -5.63
N LYS B 125 24.65 -1.61 -4.33
CA LYS B 125 25.62 -2.42 -3.62
C LYS B 125 24.91 -3.65 -3.09
N LYS B 126 25.38 -4.84 -3.46
CA LYS B 126 24.58 -5.97 -3.04
C LYS B 126 24.91 -6.32 -1.59
N GLY B 127 24.01 -7.07 -0.96
CA GLY B 127 24.00 -7.18 0.48
C GLY B 127 23.17 -6.12 1.17
N ILE B 128 22.94 -4.96 0.53
CA ILE B 128 22.23 -3.88 1.19
C ILE B 128 20.82 -4.32 1.58
N ILE B 129 20.12 -4.99 0.65
CA ILE B 129 18.72 -5.29 0.87
C ILE B 129 18.57 -6.31 2.01
N ASP B 130 19.48 -7.27 2.10
CA ASP B 130 19.43 -8.24 3.17
C ASP B 130 19.66 -7.63 4.54
N GLN B 131 20.38 -6.52 4.62
CA GLN B 131 20.61 -5.91 5.92
C GLN B 131 19.39 -5.16 6.45
N ILE B 132 18.45 -4.77 5.60
CA ILE B 132 17.35 -3.91 6.00
C ILE B 132 16.32 -4.71 6.79
N ASP B 133 16.08 -4.31 8.05
CA ASP B 133 14.97 -4.87 8.82
C ASP B 133 13.68 -4.08 8.62
N THR B 134 13.77 -2.81 8.29
CA THR B 134 12.56 -2.05 8.03
C THR B 134 12.96 -0.77 7.32
N PHE B 135 12.07 -0.25 6.50
CA PHE B 135 12.20 1.16 6.16
C PHE B 135 11.58 2.01 7.26
N ILE B 136 12.14 3.20 7.41
CA ILE B 136 11.55 4.32 8.14
C ILE B 136 11.43 5.45 7.15
N SER B 137 10.28 6.13 7.17
CA SER B 137 9.99 7.24 6.31
C SER B 137 9.31 8.28 7.17
N ILE B 138 9.69 9.56 6.98
CA ILE B 138 9.06 10.66 7.72
C ILE B 138 7.74 11.08 7.08
N CYS B 139 7.39 10.58 5.89
CA CYS B 139 6.10 10.93 5.33
C CYS B 139 5.56 9.76 4.52
N ASN B 140 4.25 9.78 4.25
CA ASN B 140 3.75 8.75 3.34
C ASN B 140 4.44 8.90 1.99
N CYS B 141 4.57 7.80 1.29
CA CYS B 141 5.24 7.76 0.01
C CYS B 141 4.86 6.44 -0.66
N PRO B 142 3.74 6.39 -1.36
CA PRO B 142 3.35 5.13 -2.00
C PRO B 142 4.42 4.56 -2.92
N SER B 143 5.33 5.39 -3.48
CA SER B 143 6.40 4.82 -4.30
C SER B 143 7.29 3.91 -3.46
N LEU B 144 7.79 4.44 -2.34
CA LEU B 144 8.56 3.63 -1.39
C LEU B 144 7.75 2.44 -0.90
N GLU B 145 6.50 2.67 -0.51
CA GLU B 145 5.72 1.56 0.02
C GLU B 145 5.58 0.46 -1.02
N HIS B 146 5.51 0.83 -2.31
CA HIS B 146 5.42 -0.17 -3.36
C HIS B 146 6.71 -0.97 -3.48
N VAL B 147 7.85 -0.27 -3.50
CA VAL B 147 9.16 -0.91 -3.44
C VAL B 147 9.25 -1.84 -2.23
N ALA B 148 8.75 -1.39 -1.07
CA ALA B 148 8.89 -2.21 0.14
C ALA B 148 8.11 -3.50 0.02
N ARG B 149 6.90 -3.46 -0.53
CA ARG B 149 6.17 -4.72 -0.71
C ARG B 149 6.95 -5.70 -1.58
N THR B 150 7.56 -5.22 -2.67
CA THR B 150 8.25 -6.15 -3.56
C THR B 150 9.41 -6.83 -2.84
N LEU B 151 10.13 -6.10 -1.99
CA LEU B 151 11.28 -6.60 -1.23
C LEU B 151 10.91 -7.31 0.08
N GLY B 152 9.64 -7.31 0.46
CA GLY B 152 9.23 -7.91 1.73
C GLY B 152 9.56 -7.11 2.99
N LYS B 153 9.59 -5.79 2.91
CA LYS B 153 9.96 -4.97 4.05
C LYS B 153 8.79 -4.12 4.50
N GLU B 154 8.61 -4.04 5.83
CA GLU B 154 7.68 -3.10 6.43
C GLU B 154 8.21 -1.67 6.29
N VAL B 155 7.30 -0.69 6.34
CA VAL B 155 7.62 0.75 6.38
C VAL B 155 7.03 1.35 7.66
N MET B 156 7.88 1.80 8.58
CA MET B 156 7.39 2.60 9.69
C MET B 156 7.35 4.05 9.28
N HIS B 157 6.20 4.68 9.46
CA HIS B 157 6.05 6.11 9.25
C HIS B 157 6.18 6.81 10.60
N ILE B 158 7.17 7.70 10.71
CA ILE B 158 7.55 8.32 11.98
C ILE B 158 7.69 9.84 11.80
N GLU B 159 7.31 10.58 12.83
CA GLU B 159 7.22 12.05 12.80
C GLU B 159 7.14 12.55 14.23
N ILE B 160 7.48 13.83 14.44
CA ILE B 160 7.22 14.43 15.73
C ILE B 160 5.72 14.42 15.95
N GLY B 161 5.31 14.20 17.20
CA GLY B 161 3.91 14.05 17.53
C GLY B 161 3.15 15.35 17.78
N PRO B 162 1.91 15.20 18.27
CA PRO B 162 1.04 16.38 18.42
C PRO B 162 1.28 17.11 19.74
N LEU B 163 1.92 16.42 20.67
CA LEU B 163 2.31 17.04 21.95
C LEU B 163 3.83 17.11 21.99
N ARG B 164 4.35 18.32 22.26
CA ARG B 164 5.78 18.57 22.15
C ARG B 164 6.23 19.51 23.26
N ALA B 165 7.54 19.52 23.50
CA ALA B 165 8.11 20.44 24.47
C ALA B 165 8.01 21.87 23.96
N PRO B 166 8.10 22.86 24.87
CA PRO B 166 8.26 22.64 26.30
C PRO B 166 6.96 22.43 27.05
N MET B 167 5.81 22.63 26.38
CA MET B 167 4.52 22.45 27.05
C MET B 167 4.34 21.03 27.56
N TYR B 168 4.69 20.04 26.74
CA TYR B 168 4.38 18.63 26.95
C TYR B 168 5.65 17.79 26.93
N ARG B 169 5.55 16.58 27.48
CA ARG B 169 6.49 15.51 27.10
C ARG B 169 6.55 15.36 25.59
N ASN B 170 7.76 15.19 25.04
CA ASN B 170 7.89 15.01 23.60
C ASN B 170 7.27 13.68 23.19
N THR B 171 6.46 13.72 22.13
CA THR B 171 5.85 12.49 21.63
C THR B 171 6.15 12.36 20.14
N ALA B 172 6.02 11.13 19.65
CA ALA B 172 6.23 10.82 18.25
C ALA B 172 5.10 9.93 17.72
N TYR B 173 4.98 9.98 16.40
CA TYR B 173 4.17 9.04 15.63
C TYR B 173 5.03 7.86 15.19
N LEU B 174 4.43 6.67 15.20
CA LEU B 174 5.01 5.50 14.57
C LEU B 174 3.84 4.68 14.04
N ASP B 175 3.68 4.65 12.74
CA ASP B 175 2.48 4.09 12.14
C ASP B 175 2.91 3.28 10.92
N PHE B 176 2.52 2.00 10.87
CA PHE B 176 2.93 1.09 9.81
C PHE B 176 2.15 1.34 8.50
N ALA B 177 1.00 2.00 8.57
CA ALA B 177 0.15 2.29 7.44
C ALA B 177 0.36 3.70 6.90
N GLY B 178 0.35 4.72 7.77
CA GLY B 178 0.47 6.11 7.34
C GLY B 178 0.64 7.08 8.49
N VAL B 179 1.39 8.18 8.27
CA VAL B 179 1.59 9.24 9.28
C VAL B 179 0.75 10.44 8.87
N ASN B 180 -0.13 10.89 9.79
CA ASN B 180 -1.11 11.96 9.57
C ASN B 180 -2.25 11.53 8.65
N GLY B 181 -1.95 11.25 7.39
CA GLY B 181 -2.92 10.65 6.51
C GLY B 181 -2.83 9.13 6.53
N GLY B 182 -3.99 8.49 6.36
CA GLY B 182 -4.06 7.04 6.30
C GLY B 182 -3.60 6.33 7.56
N THR B 183 -3.90 6.89 8.72
CA THR B 183 -3.31 6.29 9.91
C THR B 183 -4.08 5.04 10.33
N GLU B 184 -3.43 4.23 11.18
CA GLU B 184 -4.03 3.02 11.74
C GLU B 184 -4.45 3.21 13.18
N ALA B 185 -4.33 4.44 13.71
CA ALA B 185 -4.71 4.69 15.09
C ALA B 185 -6.12 4.20 15.40
N SER B 186 -7.09 4.61 14.58
N SER B 186 -7.10 4.59 14.58
CA SER B 186 -8.48 4.23 14.84
CA SER B 186 -8.46 4.22 14.93
C SER B 186 -8.64 2.72 14.86
C SER B 186 -8.66 2.71 14.86
N ALA B 187 -7.99 2.04 13.91
CA ALA B 187 -8.09 0.59 13.84
C ALA B 187 -7.51 -0.07 15.09
N ARG B 188 -6.26 0.25 15.43
CA ARG B 188 -5.69 -0.23 16.68
C ARG B 188 -6.64 -0.04 17.87
N TYR B 189 -7.24 1.14 17.98
CA TYR B 189 -8.20 1.36 19.06
C TYR B 189 -9.39 0.43 18.96
N GLU B 190 -9.92 0.23 17.75
CA GLU B 190 -11.17 -0.51 17.63
C GLU B 190 -11.00 -1.97 18.04
N LYS B 191 -9.81 -2.55 17.85
CA LYS B 191 -9.59 -3.90 18.32
C LYS B 191 -9.59 -3.98 19.84
N CYS B 192 -9.31 -2.86 20.52
CA CYS B 192 -9.06 -2.78 21.95
C CYS B 192 -10.17 -2.11 22.75
N GLN B 193 -11.24 -1.66 22.09
CA GLN B 193 -12.35 -1.02 22.78
C GLN B 193 -12.86 -1.89 23.93
N ALA B 194 -12.95 -3.20 23.72
CA ALA B 194 -13.35 -4.12 24.78
C ALA B 194 -12.61 -3.77 26.06
N GLU B 195 -11.31 -4.04 26.10
CA GLU B 195 -10.43 -3.70 27.21
C GLU B 195 -10.84 -2.38 27.86
N PHE B 196 -10.21 -1.29 27.41
CA PHE B 196 -10.26 0.03 28.00
C PHE B 196 -11.49 0.34 28.85
N ASP B 197 -11.27 0.59 30.14
CA ASP B 197 -12.23 1.24 31.02
C ASP B 197 -11.34 2.11 31.90
N ILE B 198 -11.00 3.27 31.37
CA ILE B 198 -10.14 4.20 32.09
C ILE B 198 -10.97 4.94 33.12
N LYS B 199 -10.48 4.96 34.36
CA LYS B 199 -11.21 5.58 35.45
C LYS B 199 -10.76 7.01 35.70
N ALA B 200 -9.68 7.44 35.06
CA ALA B 200 -9.23 8.82 35.17
C ALA B 200 -10.13 9.73 34.35
N SER B 201 -9.97 11.04 34.57
CA SER B 201 -10.66 12.06 33.78
C SER B 201 -9.77 12.50 32.65
N LEU B 202 -10.41 13.16 31.66
CA LEU B 202 -9.65 13.92 30.68
C LEU B 202 -8.51 14.70 31.34
N GLY B 203 -8.84 15.44 32.41
CA GLY B 203 -7.86 16.32 33.01
C GLY B 203 -6.64 15.58 33.50
N ASP B 204 -6.85 14.41 34.12
CA ASP B 204 -5.73 13.57 34.51
C ASP B 204 -4.89 13.17 33.29
N LEU B 205 -5.54 12.73 32.21
CA LEU B 205 -4.78 12.37 31.03
C LEU B 205 -3.95 13.55 30.61
N HIS B 206 -4.59 14.72 30.51
CA HIS B 206 -3.91 15.91 30.03
C HIS B 206 -2.76 16.28 30.95
N ASN B 207 -3.01 16.35 32.25
CA ASN B 207 -1.92 16.74 33.15
C ASN B 207 -0.79 15.75 33.15
N TYR B 208 -1.08 14.48 32.82
CA TYR B 208 -0.01 13.51 32.76
C TYR B 208 1.01 13.89 31.69
N PHE B 209 0.53 14.39 30.54
CA PHE B 209 1.49 14.80 29.52
C PHE B 209 2.01 16.23 29.68
N LEU B 210 1.30 17.08 30.42
CA LEU B 210 1.78 18.44 30.62
C LEU B 210 3.05 18.47 31.43
N GLU B 211 3.97 19.33 31.03
CA GLU B 211 5.17 19.61 31.82
C GLU B 211 4.96 20.78 32.78
N VAL B 212 4.07 21.71 32.43
CA VAL B 212 3.71 22.83 33.27
C VAL B 212 2.28 22.62 33.74
N LEU B 213 1.90 23.36 34.76
CA LEU B 213 0.51 23.36 35.19
C LEU B 213 -0.36 24.04 34.14
N PRO B 214 -1.65 23.68 34.07
CA PRO B 214 -2.52 24.27 33.06
C PRO B 214 -2.87 25.69 33.42
N PRO B 215 -3.13 26.54 32.42
CA PRO B 215 -3.40 27.95 32.70
C PRO B 215 -4.58 28.13 33.64
N ALA B 216 -4.52 29.19 34.45
CA ALA B 216 -5.68 29.56 35.24
C ALA B 216 -6.86 29.88 34.33
N GLU B 217 -8.05 29.87 34.92
CA GLU B 217 -9.28 30.16 34.18
C GLU B 217 -9.26 31.59 33.65
N ALA B 218 -9.48 31.73 32.35
CA ALA B 218 -9.41 33.04 31.70
C ALA B 218 -10.63 33.87 32.07
N ALA B 219 -10.42 35.17 32.21
CA ALA B 219 -11.54 36.07 32.48
C ALA B 219 -12.62 35.93 31.41
N THR B 220 -12.33 36.45 30.21
CA THR B 220 -13.26 36.51 29.11
C THR B 220 -12.98 35.38 28.12
N HIS B 221 -14.04 34.92 27.45
CA HIS B 221 -14.00 33.82 26.52
C HIS B 221 -14.62 34.24 25.20
N SER B 222 -14.07 33.76 24.08
CA SER B 222 -14.73 33.89 22.80
C SER B 222 -15.52 32.63 22.48
N ALA B 223 -16.66 32.81 21.82
CA ALA B 223 -17.48 31.68 21.41
C ALA B 223 -16.67 30.70 20.54
N ALA B 224 -15.98 31.22 19.52
CA ALA B 224 -15.26 30.36 18.57
C ALA B 224 -13.78 30.73 18.49
N GLY B 225 -12.92 29.72 18.62
CA GLY B 225 -11.51 29.85 18.30
C GLY B 225 -11.19 29.07 17.03
N VAL B 226 -10.39 29.70 16.17
CA VAL B 226 -9.98 29.19 14.88
C VAL B 226 -8.48 28.99 14.92
N VAL B 227 -8.06 27.73 14.85
CA VAL B 227 -6.66 27.35 14.75
C VAL B 227 -6.25 27.41 13.28
N LEU B 228 -5.29 28.26 12.93
CA LEU B 228 -4.74 28.26 11.59
C LEU B 228 -3.47 27.43 11.57
N GLN B 229 -3.13 26.88 10.39
CA GLN B 229 -1.93 26.06 10.28
C GLN B 229 -0.94 26.68 9.29
N VAL B 230 0.24 26.05 9.19
CA VAL B 230 1.23 26.43 8.17
C VAL B 230 0.74 26.05 6.79
N GLU B 231 0.74 27.02 5.88
CA GLU B 231 -0.04 26.87 4.66
C GLU B 231 0.43 25.70 3.79
N ASP B 232 1.68 25.28 3.92
CA ASP B 232 2.22 24.24 3.05
C ASP B 232 2.74 23.06 3.86
N ASP B 233 2.19 22.85 5.04
CA ASP B 233 2.37 21.59 5.74
C ASP B 233 1.69 20.45 4.99
N SER B 234 2.36 19.31 4.89
CA SER B 234 1.72 18.14 4.28
C SER B 234 0.27 17.95 4.75
N ASN B 235 -0.03 18.25 6.03
CA ASN B 235 -1.41 18.18 6.52
C ASN B 235 -2.38 19.06 5.72
N LEU B 236 -1.97 20.28 5.37
CA LEU B 236 -2.85 21.16 4.59
C LEU B 236 -2.70 20.97 3.08
N ILE B 237 -1.79 20.10 2.64
CA ILE B 237 -1.56 19.89 1.22
C ILE B 237 -2.24 18.61 0.72
N ALA B 238 -2.19 17.53 1.52
CA ALA B 238 -2.72 16.24 1.09
C ALA B 238 -3.81 15.68 1.98
N TYR B 239 -3.86 16.04 3.27
CA TYR B 239 -4.75 15.39 4.23
C TYR B 239 -5.91 16.31 4.66
N ASN B 240 -6.07 17.43 3.96
CA ASN B 240 -6.95 18.52 4.38
C ASN B 240 -8.37 18.42 3.82
N HIS B 241 -8.68 17.48 2.94
CA HIS B 241 -10.04 17.42 2.38
C HIS B 241 -10.39 18.71 1.65
N ASP B 242 -9.41 19.32 0.99
CA ASP B 242 -9.53 20.55 0.24
C ASP B 242 -9.66 21.81 1.11
N PHE B 243 -9.78 21.70 2.44
CA PHE B 243 -9.87 22.90 3.26
C PHE B 243 -8.54 23.66 3.32
N THR B 244 -8.64 24.97 3.40
CA THR B 244 -7.51 25.86 3.60
C THR B 244 -7.78 26.77 4.79
N ASN B 245 -6.75 27.49 5.23
CA ASN B 245 -6.93 28.50 6.28
C ASN B 245 -8.10 29.44 5.96
N ILE B 246 -8.15 29.95 4.73
CA ILE B 246 -9.19 30.93 4.43
C ILE B 246 -10.59 30.29 4.35
N SER B 247 -10.70 29.04 3.88
CA SER B 247 -12.04 28.43 3.85
C SER B 247 -12.43 27.91 5.22
N LEU B 248 -11.46 27.63 6.08
CA LEU B 248 -11.80 27.32 7.46
C LEU B 248 -12.35 28.55 8.18
N LEU B 249 -11.72 29.72 7.99
CA LEU B 249 -12.31 30.95 8.50
C LEU B 249 -13.69 31.14 7.95
N SER B 250 -13.86 30.89 6.65
CA SER B 250 -15.18 31.09 6.08
C SER B 250 -16.19 30.13 6.72
N TYR B 251 -15.80 28.88 6.88
CA TYR B 251 -16.61 27.91 7.61
C TYR B 251 -17.10 28.49 8.93
N VAL B 252 -16.20 29.13 9.69
CA VAL B 252 -16.57 29.59 11.01
C VAL B 252 -17.46 30.83 10.90
N ARG B 253 -17.22 31.68 9.91
CA ARG B 253 -18.07 32.85 9.71
C ARG B 253 -19.47 32.50 9.23
N GLN B 254 -19.71 31.28 8.71
CA GLN B 254 -21.09 30.90 8.43
C GLN B 254 -21.85 30.68 9.73
N ARG B 255 -21.13 30.55 10.84
CA ARG B 255 -21.69 30.12 12.11
C ARG B 255 -21.61 31.17 13.20
N TYR B 256 -20.71 32.15 13.09
CA TYR B 256 -20.47 33.13 14.14
C TYR B 256 -20.20 34.50 13.54
N GLU B 257 -20.67 35.54 14.22
CA GLU B 257 -20.28 36.92 13.96
C GLU B 257 -18.79 37.14 14.25
N LYS B 258 -18.21 38.14 13.57
CA LYS B 258 -16.77 38.42 13.70
C LYS B 258 -16.38 38.75 15.15
N GLU B 259 -17.28 39.33 15.94
CA GLU B 259 -16.93 39.69 17.32
C GLU B 259 -16.78 38.47 18.21
N ASP B 260 -17.22 37.29 17.75
CA ASP B 260 -17.20 36.08 18.54
C ASP B 260 -16.13 35.11 18.09
N ILE B 261 -15.24 35.55 17.22
CA ILE B 261 -14.25 34.68 16.63
C ILE B 261 -12.87 35.14 17.08
N LEU B 262 -12.11 34.20 17.63
CA LEU B 262 -10.71 34.43 17.97
C LEU B 262 -9.85 33.56 17.07
N VAL B 263 -8.92 34.18 16.34
CA VAL B 263 -8.09 33.49 15.35
C VAL B 263 -6.63 33.49 15.83
N ARG B 264 -6.00 32.33 15.79
CA ARG B 264 -4.60 32.18 16.15
C ARG B 264 -3.81 31.68 14.95
N ALA B 265 -2.96 32.55 14.39
CA ALA B 265 -2.05 32.11 13.33
C ALA B 265 -1.02 31.14 13.91
N HIS B 266 -0.55 30.25 13.06
CA HIS B 266 0.48 29.31 13.48
C HIS B 266 1.79 30.08 13.61
N PRO B 267 2.47 30.01 14.76
CA PRO B 267 3.75 30.74 14.89
C PRO B 267 4.78 30.35 13.84
N GLY B 268 4.63 29.18 13.20
CA GLY B 268 5.54 28.77 12.17
C GLY B 268 5.20 29.26 10.78
N SER B 269 4.05 29.90 10.61
CA SER B 269 3.60 30.31 9.28
C SER B 269 4.33 31.55 8.81
N LEU B 270 4.41 31.69 7.48
CA LEU B 270 4.94 32.89 6.86
C LEU B 270 3.95 34.04 6.91
N PHE B 271 2.67 33.77 7.19
CA PHE B 271 1.67 34.82 7.18
C PHE B 271 1.10 35.04 8.58
N ARG B 272 0.77 36.31 8.88
CA ARG B 272 0.03 36.64 10.10
C ARG B 272 -1.24 37.40 9.73
N LEU B 273 -2.17 37.49 10.70
CA LEU B 273 -3.42 38.21 10.47
C LEU B 273 -3.24 39.71 10.65
N ARG B 274 -3.98 40.46 9.85
CA ARG B 274 -4.23 41.87 10.12
C ARG B 274 -5.08 42.01 11.37
N ASP B 275 -4.84 43.07 12.13
CA ASP B 275 -5.51 43.27 13.41
C ASP B 275 -6.95 43.72 13.26
N ASP B 276 -7.26 44.39 12.16
CA ASP B 276 -8.45 45.21 12.03
C ASP B 276 -9.73 44.42 11.73
N VAL B 277 -9.67 43.11 11.56
CA VAL B 277 -10.87 42.37 11.19
C VAL B 277 -11.37 41.55 12.37
N PHE B 278 -10.82 40.36 12.55
CA PHE B 278 -11.17 39.53 13.70
C PHE B 278 -10.29 39.88 14.87
N THR B 279 -10.73 39.48 16.07
CA THR B 279 -9.86 39.54 17.24
C THR B 279 -8.74 38.51 17.06
N ILE B 280 -7.49 38.97 17.15
CA ILE B 280 -6.30 38.15 16.84
C ILE B 280 -5.69 37.66 18.14
N ASP B 281 -5.62 36.34 18.31
CA ASP B 281 -4.98 35.80 19.50
C ASP B 281 -3.50 36.18 19.54
N ASP B 282 -3.01 36.53 20.71
CA ASP B 282 -1.59 36.69 20.97
C ASP B 282 -1.18 35.97 22.25
N SER B 283 -1.65 34.73 22.46
CA SER B 283 -1.27 34.01 23.67
C SER B 283 0.14 33.42 23.51
N ALA B 284 0.78 33.12 24.65
CA ALA B 284 2.16 32.66 24.58
C ALA B 284 2.28 31.24 24.02
N ASN B 285 1.18 30.50 23.92
CA ASN B 285 1.16 29.11 23.44
C ASN B 285 -0.29 28.75 23.11
N SER B 286 -0.46 27.67 22.33
CA SER B 286 -1.81 27.29 21.89
C SER B 286 -2.70 26.90 23.05
N LEU B 287 -2.13 26.45 24.18
CA LEU B 287 -3.01 26.08 25.29
C LEU B 287 -3.62 27.32 25.94
N ALA B 288 -2.86 28.41 26.13
CA ALA B 288 -3.49 29.63 26.63
C ALA B 288 -4.50 30.17 25.62
N PHE B 289 -4.30 29.92 24.33
CA PHE B 289 -5.28 30.29 23.32
C PHE B 289 -6.62 29.59 23.57
N ILE B 290 -6.60 28.26 23.54
CA ILE B 290 -7.87 27.56 23.59
C ILE B 290 -8.54 27.68 24.95
N ASN B 291 -7.73 27.88 26.01
CA ASN B 291 -8.26 28.14 27.35
C ASN B 291 -9.38 29.18 27.32
N GLN B 292 -9.26 30.19 26.46
CA GLN B 292 -10.27 31.23 26.40
C GLN B 292 -11.24 31.06 25.23
N CYS B 293 -11.52 29.82 24.81
CA CYS B 293 -12.49 29.55 23.76
C CYS B 293 -13.53 28.56 24.25
N ASN B 294 -14.81 28.84 23.92
CA ASN B 294 -15.86 27.88 24.21
C ASN B 294 -15.83 26.71 23.22
N GLU B 295 -15.52 26.98 21.96
CA GLU B 295 -15.53 25.98 20.90
C GLU B 295 -14.30 26.18 20.02
N VAL B 296 -13.69 25.09 19.53
CA VAL B 296 -12.45 25.17 18.76
C VAL B 296 -12.64 24.57 17.37
N PHE B 297 -12.10 25.26 16.35
CA PHE B 297 -12.24 24.87 14.94
C PHE B 297 -10.87 24.65 14.31
N THR B 298 -10.69 23.49 13.66
CA THR B 298 -9.41 23.16 13.03
C THR B 298 -9.64 22.29 11.79
N ILE B 299 -8.67 22.33 10.87
CA ILE B 299 -8.54 21.35 9.79
C ILE B 299 -7.93 20.10 10.39
N ASN B 300 -6.63 20.12 10.67
CA ASN B 300 -6.10 18.93 11.32
C ASN B 300 -4.83 19.29 12.08
N SER B 301 -4.87 20.44 12.78
CA SER B 301 -3.74 20.87 13.59
C SER B 301 -3.59 20.01 14.85
N SER B 302 -2.34 19.82 15.28
CA SER B 302 -2.12 19.20 16.59
C SER B 302 -2.87 19.93 17.70
N VAL B 303 -3.17 21.22 17.52
CA VAL B 303 -3.92 21.93 18.55
C VAL B 303 -5.31 21.35 18.72
N GLY B 304 -5.85 20.72 17.67
CA GLY B 304 -7.13 20.03 17.80
C GLY B 304 -7.13 18.99 18.90
N LEU B 305 -6.02 18.26 19.05
CA LEU B 305 -5.94 17.27 20.10
C LEU B 305 -5.92 17.94 21.48
N GLU B 306 -5.18 19.05 21.62
CA GLU B 306 -5.19 19.79 22.88
C GLU B 306 -6.61 20.18 23.27
N ALA B 307 -7.38 20.68 22.30
CA ALA B 307 -8.72 21.15 22.61
C ALA B 307 -9.57 19.98 23.09
N ILE B 308 -9.39 18.82 22.47
CA ILE B 308 -10.13 17.64 22.94
C ILE B 308 -9.68 17.27 24.35
N LEU B 309 -8.37 17.30 24.62
CA LEU B 309 -7.94 16.90 25.95
C LEU B 309 -8.36 17.90 27.02
N THR B 310 -8.65 19.15 26.66
CA THR B 310 -9.17 20.06 27.66
C THR B 310 -10.69 20.05 27.76
N GLY B 311 -11.38 19.15 27.06
CA GLY B 311 -12.82 19.10 27.20
C GLY B 311 -13.62 20.05 26.34
N LYS B 312 -13.04 20.65 25.31
CA LYS B 312 -13.76 21.62 24.48
C LYS B 312 -14.42 20.95 23.28
N LYS B 313 -15.59 21.43 22.93
CA LYS B 313 -16.21 20.98 21.69
C LYS B 313 -15.28 21.37 20.55
N THR B 314 -14.97 20.42 19.67
CA THR B 314 -13.93 20.64 18.66
C THR B 314 -14.41 20.14 17.31
N THR B 315 -14.21 20.94 16.28
CA THR B 315 -14.59 20.59 14.92
C THR B 315 -13.32 20.31 14.13
N VAL B 316 -13.25 19.14 13.50
CA VAL B 316 -12.06 18.69 12.79
C VAL B 316 -12.47 18.44 11.37
N LEU B 317 -11.94 19.23 10.46
CA LEU B 317 -12.42 19.13 9.09
C LEU B 317 -11.53 18.29 8.20
N GLY B 318 -10.27 18.08 8.56
CA GLY B 318 -9.36 17.31 7.76
C GLY B 318 -9.12 15.89 8.30
N ASP B 319 -8.40 15.10 7.52
CA ASP B 319 -7.93 13.82 8.04
C ASP B 319 -6.75 14.04 9.01
N CYS B 320 -6.77 13.28 10.10
CA CYS B 320 -5.62 13.23 11.01
C CYS B 320 -5.74 12.02 11.92
N SER B 321 -4.69 11.81 12.71
CA SER B 321 -4.55 10.61 13.52
C SER B 321 -5.57 10.57 14.65
N TYR B 322 -5.93 11.72 15.20
CA TYR B 322 -6.80 11.80 16.38
C TYR B 322 -8.26 12.05 16.02
N ALA B 323 -8.57 12.22 14.73
CA ALA B 323 -9.96 12.48 14.35
C ALA B 323 -10.92 11.46 14.94
N PHE B 324 -10.56 10.17 14.92
CA PHE B 324 -11.52 9.17 15.39
C PHE B 324 -11.95 9.44 16.83
N ILE B 325 -11.10 10.09 17.64
CA ILE B 325 -11.49 10.41 19.01
C ILE B 325 -12.66 11.38 19.01
N ASN B 326 -12.60 12.38 18.14
CA ASN B 326 -13.62 13.42 18.08
C ASN B 326 -14.92 12.89 17.51
N GLU B 327 -14.91 11.74 16.84
CA GLU B 327 -16.15 11.19 16.31
C GLU B 327 -16.93 10.38 17.34
N LEU B 328 -16.38 10.16 18.52
CA LEU B 328 -17.16 9.46 19.54
C LEU B 328 -18.21 10.40 20.13
N ALA B 329 -19.26 9.82 20.72
CA ALA B 329 -20.41 10.59 21.18
C ALA B 329 -20.31 11.03 22.63
N GLY B 330 -19.86 10.18 23.54
CA GLY B 330 -19.87 10.53 24.94
C GLY B 330 -18.50 10.96 25.47
N ALA B 331 -18.53 11.63 26.63
CA ALA B 331 -17.31 12.01 27.32
C ALA B 331 -16.53 10.78 27.81
N SER B 332 -17.22 9.76 28.32
CA SER B 332 -16.49 8.59 28.83
C SER B 332 -15.78 7.85 27.69
N ALA B 333 -16.44 7.68 26.55
CA ALA B 333 -15.77 7.01 25.42
C ALA B 333 -14.61 7.86 24.90
N THR B 334 -14.80 9.18 24.88
CA THR B 334 -13.71 10.07 24.52
C THR B 334 -12.46 9.81 25.38
N VAL B 335 -12.65 9.75 26.70
CA VAL B 335 -11.54 9.50 27.63
C VAL B 335 -10.85 8.17 27.31
N ASN B 336 -11.62 7.12 27.05
CA ASN B 336 -10.98 5.83 26.75
C ASN B 336 -10.17 5.92 25.46
N ALA B 337 -10.78 6.46 24.40
CA ALA B 337 -10.04 6.57 23.15
C ALA B 337 -8.81 7.46 23.32
N ALA B 338 -8.93 8.55 24.09
CA ALA B 338 -7.80 9.48 24.27
C ALA B 338 -6.67 8.80 25.04
N ALA B 339 -7.03 8.03 26.07
CA ALA B 339 -6.03 7.26 26.78
C ALA B 339 -5.33 6.25 25.86
N PHE B 340 -6.08 5.54 25.02
CA PHE B 340 -5.39 4.61 24.13
C PHE B 340 -4.46 5.35 23.19
N TYR B 341 -4.97 6.45 22.61
CA TYR B 341 -4.15 7.27 21.71
C TYR B 341 -2.86 7.76 22.38
N LEU B 342 -2.96 8.25 23.62
CA LEU B 342 -1.80 8.92 24.23
C LEU B 342 -0.72 7.95 24.68
N PHE B 343 -1.12 6.83 25.28
CA PHE B 343 -0.20 5.84 25.85
C PHE B 343 0.20 4.76 24.87
N SER B 344 -0.57 4.54 23.79
CA SER B 344 -0.25 3.40 22.94
C SER B 344 0.04 3.79 21.50
N TYR B 345 -0.77 4.67 20.89
CA TYR B 345 -0.47 5.12 19.54
C TYR B 345 0.70 6.10 19.53
N LEU B 346 0.68 7.12 20.38
CA LEU B 346 1.84 7.97 20.53
C LEU B 346 3.00 7.20 21.19
N VAL B 347 4.21 7.58 20.81
CA VAL B 347 5.42 6.95 21.33
C VAL B 347 6.27 8.01 22.03
N PRO B 348 6.80 7.76 23.22
CA PRO B 348 7.78 8.69 23.80
C PRO B 348 8.84 9.04 22.75
N PHE B 349 9.09 10.34 22.58
CA PHE B 349 9.81 10.84 21.41
C PHE B 349 11.13 10.11 21.15
N ASP B 350 12.00 9.99 22.15
CA ASP B 350 13.32 9.44 21.91
C ASP B 350 13.24 7.99 21.43
N LEU B 351 12.16 7.27 21.75
CA LEU B 351 12.14 5.84 21.48
C LEU B 351 12.13 5.52 19.98
N VAL B 352 11.46 6.35 19.15
CA VAL B 352 11.41 6.07 17.72
C VAL B 352 12.76 6.22 17.04
N PHE B 353 13.77 6.72 17.76
CA PHE B 353 15.14 6.76 17.31
C PHE B 353 15.98 5.70 17.97
N ASN B 354 15.37 4.82 18.76
CA ASN B 354 16.07 3.80 19.50
C ASN B 354 15.94 2.49 18.73
N GLN B 355 17.06 2.00 18.20
CA GLN B 355 16.99 0.81 17.35
C GLN B 355 16.38 -0.40 18.08
N GLU B 356 16.66 -0.54 19.38
N GLU B 356 16.68 -0.54 19.38
CA GLU B 356 16.11 -1.69 20.10
CA GLU B 356 16.13 -1.66 20.15
C GLU B 356 14.59 -1.57 20.25
C GLU B 356 14.62 -1.57 20.27
N TYR B 357 14.10 -0.36 20.49
CA TYR B 357 12.66 -0.18 20.55
C TYR B 357 12.00 -0.44 19.19
N LEU B 358 12.61 0.07 18.12
CA LEU B 358 12.04 -0.18 16.81
C LEU B 358 11.96 -1.67 16.52
N LYS B 359 12.95 -2.45 16.98
CA LYS B 359 12.88 -3.89 16.75
C LYS B 359 11.71 -4.52 17.51
N PHE B 360 11.53 -4.10 18.76
CA PHE B 360 10.34 -4.44 19.52
C PHE B 360 9.05 -4.16 18.73
N ARG B 361 8.91 -2.96 18.20
CA ARG B 361 7.69 -2.66 17.43
C ARG B 361 7.64 -3.46 16.13
N LEU B 362 8.81 -3.82 15.58
CA LEU B 362 8.82 -4.56 14.34
C LEU B 362 8.26 -5.97 14.53
N GLY B 363 8.31 -6.52 15.73
CA GLY B 363 7.63 -7.76 16.02
C GLY B 363 6.15 -7.64 16.31
N HIS B 364 5.56 -6.44 16.24
CA HIS B 364 4.12 -6.30 16.45
C HIS B 364 3.67 -6.96 17.76
N PRO B 365 4.13 -6.48 18.90
CA PRO B 365 3.63 -7.00 20.19
C PRO B 365 2.21 -6.52 20.45
N GLU B 366 1.58 -7.18 21.43
CA GLU B 366 0.25 -6.81 21.92
C GLU B 366 0.22 -5.37 22.46
N GLU B 367 -0.95 -4.74 22.38
CA GLU B 367 -1.11 -3.36 22.82
C GLU B 367 -0.62 -3.19 24.27
N ARG B 368 -0.85 -4.19 25.12
CA ARG B 368 -0.47 -4.08 26.51
C ARG B 368 1.06 -3.98 26.68
N GLU B 369 1.81 -4.78 25.92
CA GLU B 369 3.26 -4.62 25.92
C GLU B 369 3.66 -3.22 25.45
N ILE B 370 2.89 -2.63 24.53
CA ILE B 370 3.27 -1.32 23.99
C ILE B 370 3.09 -0.24 25.04
N VAL B 371 1.91 -0.22 25.68
CA VAL B 371 1.63 0.72 26.76
C VAL B 371 2.64 0.53 27.87
N GLY B 372 2.93 -0.73 28.22
CA GLY B 372 3.90 -1.00 29.26
C GLY B 372 5.25 -0.37 29.01
N LYS B 373 5.78 -0.54 27.79
CA LYS B 373 7.11 -0.01 27.47
C LYS B 373 7.10 1.52 27.47
N HIS B 374 5.99 2.12 27.05
CA HIS B 374 5.92 3.57 27.04
C HIS B 374 5.87 4.11 28.47
N ILE B 375 5.04 3.50 29.31
CA ILE B 375 4.92 3.92 30.69
C ILE B 375 6.25 3.74 31.41
N GLU B 376 6.98 2.65 31.10
CA GLU B 376 8.29 2.46 31.72
C GLU B 376 9.20 3.63 31.42
N PHE B 377 9.12 4.17 30.21
CA PHE B 377 9.95 5.28 29.78
C PHE B 377 9.50 6.61 30.38
N TYR B 378 8.19 6.89 30.39
CA TYR B 378 7.68 8.12 30.99
C TYR B 378 8.01 8.19 32.46
N SER B 379 8.10 7.05 33.14
CA SER B 379 8.48 7.05 34.55
C SER B 379 10.00 7.04 34.68
N ALA B 380 10.64 5.89 34.51
CA ALA B 380 12.11 5.81 34.56
C ALA B 380 12.70 6.64 35.70
N ASP B 381 12.02 6.69 36.85
CA ASP B 381 12.53 7.38 38.04
C ASP B 381 11.61 7.26 39.26
N SER B 391 -1.19 -8.75 32.69
CA SER B 391 -1.76 -7.53 33.25
C SER B 391 -2.92 -7.01 32.42
N SER B 392 -3.36 -5.79 32.72
CA SER B 392 -4.45 -5.17 32.00
C SER B 392 -4.00 -3.82 31.46
N LEU B 393 -4.38 -3.52 30.23
CA LEU B 393 -4.09 -2.22 29.66
C LEU B 393 -4.63 -1.11 30.56
N SER B 394 -5.84 -1.29 31.10
CA SER B 394 -6.50 -0.22 31.86
C SER B 394 -5.82 0.01 33.21
N SER B 395 -5.48 -1.07 33.90
CA SER B 395 -4.77 -0.98 35.18
C SER B 395 -3.45 -0.25 35.04
N LEU B 396 -2.64 -0.62 34.04
CA LEU B 396 -1.41 0.09 33.76
C LEU B 396 -1.64 1.60 33.68
N ILE B 397 -2.53 2.02 32.79
CA ILE B 397 -2.80 3.43 32.62
C ILE B 397 -3.35 4.04 33.92
N ASN B 398 -4.37 3.43 34.50
CA ASN B 398 -4.97 3.96 35.73
C ASN B 398 -3.91 4.13 36.82
N GLU B 399 -2.96 3.20 36.89
CA GLU B 399 -1.90 3.33 37.87
C GLU B 399 -0.99 4.50 37.54
N ALA B 400 -0.54 4.58 36.29
CA ALA B 400 0.33 5.67 35.86
C ALA B 400 -0.31 7.02 36.14
N ILE B 401 -1.61 7.13 35.90
CA ILE B 401 -2.30 8.40 36.14
C ILE B 401 -2.41 8.71 37.63
N SER B 402 -2.53 7.71 38.49
CA SER B 402 -2.60 8.00 39.91
C SER B 402 -1.24 7.92 40.59
N LEU B 403 -0.33 7.07 40.10
CA LEU B 403 0.99 6.97 40.70
C LEU B 403 1.78 8.26 40.47
N GLU B 404 1.61 8.88 39.30
CA GLU B 404 2.15 10.21 39.05
C GLU B 404 1.34 11.30 39.71
N HIS B 405 0.18 10.95 40.30
CA HIS B 405 -0.67 11.84 41.08
C HIS B 405 -0.21 11.97 42.53
N HIS B 406 0.87 11.28 42.90
CA HIS B 406 1.37 11.31 44.28
C HIS B 406 2.55 12.27 44.43
#